data_7KLH
#
_entry.id   7KLH
#
_cell.length_a   197.270
_cell.length_b   197.270
_cell.length_c   211.090
_cell.angle_alpha   90.000
_cell.angle_beta   90.000
_cell.angle_gamma   120.000
#
_symmetry.space_group_name_H-M   'P 63 2 2'
#
loop_
_entity.id
_entity.type
_entity.pdbx_description
1 polymer 'Fab 15033-7 heavy chain'
2 polymer 'Fab 15033-7 light chain'
3 polymer 'Spike glycoprotein'
4 non-polymer 2-acetamido-2-deoxy-beta-D-glucopyranose
#
loop_
_entity_poly.entity_id
_entity_poly.type
_entity_poly.pdbx_seq_one_letter_code
_entity_poly.pdbx_strand_id
1 'polypeptide(L)'
;EVQLVESGGGLVQPGGSLRLSCAASGFDLGGYSMHWVRQAPGKGLEWVAGIYASGGATAYADSVKGRFTISADTSKNTAY
LQMNSLRAEDTAVYYCARSYYYGGFGMDYWGQGTLVTVSSASTKGPSVFPLAPSSKSTSGGTAALGCLVKDYFPEPVTVS
WNSGALTSGVHTFPAVLQSSGLYSLSSVVTVPSSSLGTQTYICNVNHKPSNTKVDKKVEPKSCDK
;
H,I
2 'polypeptide(L)'
;DIQMTQSPSSLSASVGDRVTITCRASQSVSSAVAWYQQKPGKAPKLLIYSASDLYSGVPSRFSGSRSGTDFTLTISSLQP
EDFATYYCQQSHTYPITFGQGTKVEIKRTVAAPSVFIFPPSDEQLKSGTASVVCLLNNFYPREAKVQWKVDNALQSGNSQ
ESVTEQDSKDSTYSLSSTLTLSKADYEKHKVYACEVTHQGLSSPVTKSFNRGEC
;
L,M
3 'polypeptide(L)'
;RFPNITNLCPFGEVFNATRFASVYAWNRKRISNCVADYSVLYNSASFSTFKCYGVSPTKLNDLCFTNVYADSFVIRGDEV
RQIAPGQTGKIADYNYKLPDDFTGCVIAWNSNNLDSKVGGNYNYLYRLFRKSNLKPFERDISTEIYQAGSTPCNGVEGFN
CYFPLQSYGFQPTNGVGYQPYRVVVLSFELLHAPATVCGPK
;
B,A
#
# COMPACT_ATOMS: atom_id res chain seq x y z
N GLU A 1 -17.20 1.11 -9.92
CA GLU A 1 -17.24 1.83 -11.22
C GLU A 1 -18.24 2.99 -11.18
N VAL A 2 -17.73 4.19 -10.92
CA VAL A 2 -18.58 5.38 -10.94
C VAL A 2 -18.97 5.68 -12.39
N GLN A 3 -20.23 6.07 -12.58
CA GLN A 3 -20.71 6.37 -13.93
C GLN A 3 -21.72 7.50 -13.89
N LEU A 4 -21.67 8.35 -14.92
CA LEU A 4 -22.58 9.48 -15.08
C LEU A 4 -23.14 9.42 -16.49
N VAL A 5 -24.47 9.39 -16.60
CA VAL A 5 -25.14 9.25 -17.89
C VAL A 5 -26.09 10.42 -18.10
N GLU A 6 -25.93 11.09 -19.23
CA GLU A 6 -26.79 12.21 -19.60
C GLU A 6 -28.03 11.72 -20.35
N SER A 7 -29.07 12.53 -20.32
CA SER A 7 -30.30 12.23 -21.04
C SER A 7 -31.09 13.53 -21.17
N GLY A 8 -32.11 13.49 -22.02
CA GLY A 8 -32.99 14.63 -22.21
C GLY A 8 -32.55 15.61 -23.29
N GLY A 9 -31.43 15.36 -23.94
CA GLY A 9 -31.03 16.21 -25.05
C GLY A 9 -31.95 16.06 -26.25
N GLY A 10 -31.92 17.05 -27.12
CA GLY A 10 -32.72 16.99 -28.33
C GLY A 10 -32.66 18.27 -29.13
N LEU A 11 -33.74 18.53 -29.87
CA LEU A 11 -33.88 19.70 -30.71
C LEU A 11 -35.01 20.56 -30.17
N VAL A 12 -34.76 21.87 -30.05
CA VAL A 12 -35.75 22.80 -29.55
C VAL A 12 -35.63 24.10 -30.32
N GLN A 13 -36.78 24.76 -30.52
CA GLN A 13 -36.83 26.02 -31.23
C GLN A 13 -36.34 27.15 -30.33
N PRO A 14 -35.96 28.29 -30.91
CA PRO A 14 -35.53 29.41 -30.07
C PRO A 14 -36.65 29.86 -29.13
N GLY A 15 -36.28 30.11 -27.89
CA GLY A 15 -37.23 30.49 -26.86
C GLY A 15 -37.90 29.33 -26.15
N GLY A 16 -37.61 28.09 -26.55
CA GLY A 16 -38.23 26.93 -25.94
C GLY A 16 -37.56 26.55 -24.63
N SER A 17 -37.94 25.37 -24.14
CA SER A 17 -37.41 24.83 -22.89
C SER A 17 -36.99 23.39 -23.08
N LEU A 18 -35.99 22.97 -22.31
CA LEU A 18 -35.49 21.60 -22.38
C LEU A 18 -34.86 21.24 -21.03
N ARG A 19 -35.17 20.04 -20.54
CA ARG A 19 -34.70 19.58 -19.25
C ARG A 19 -33.69 18.45 -19.46
N LEU A 20 -32.46 18.68 -19.03
CA LEU A 20 -31.40 17.68 -19.12
C LEU A 20 -31.25 16.96 -17.79
N SER A 21 -31.06 15.65 -17.86
CA SER A 21 -30.93 14.80 -16.68
C SER A 21 -29.55 14.15 -16.69
N CYS A 22 -29.03 13.90 -15.49
CA CYS A 22 -27.70 13.32 -15.31
C CYS A 22 -27.82 12.32 -14.17
N ALA A 23 -27.90 11.03 -14.52
CA ALA A 23 -28.05 9.97 -13.54
C ALA A 23 -26.66 9.47 -13.14
N ALA A 24 -26.47 9.31 -11.83
CA ALA A 24 -25.20 8.90 -11.26
C ALA A 24 -25.32 7.49 -10.67
N SER A 25 -24.25 6.72 -10.81
CA SER A 25 -24.19 5.37 -10.27
C SER A 25 -22.80 5.14 -9.70
N GLY A 26 -22.74 4.27 -8.69
CA GLY A 26 -21.48 3.96 -8.06
C GLY A 26 -21.02 4.97 -7.03
N PHE A 27 -21.84 5.96 -6.71
CA PHE A 27 -21.49 6.92 -5.67
C PHE A 27 -22.75 7.70 -5.29
N ASP A 28 -22.70 8.28 -4.09
CA ASP A 28 -23.80 9.06 -3.55
C ASP A 28 -23.53 10.55 -3.75
N LEU A 29 -24.56 11.29 -4.17
CA LEU A 29 -24.39 12.71 -4.45
C LEU A 29 -23.98 13.50 -3.21
N GLY A 30 -24.28 13.00 -2.02
CA GLY A 30 -23.92 13.68 -0.80
C GLY A 30 -22.46 14.08 -0.76
N GLY A 31 -22.16 15.24 -0.17
CA GLY A 31 -20.81 15.71 -0.06
C GLY A 31 -20.16 16.10 -1.37
N TYR A 32 -20.91 16.09 -2.47
CA TYR A 32 -20.39 16.39 -3.79
C TYR A 32 -21.16 17.56 -4.38
N SER A 33 -20.59 18.16 -5.42
CA SER A 33 -21.22 19.23 -6.16
C SER A 33 -21.27 18.83 -7.63
N MET A 34 -22.46 18.88 -8.20
CA MET A 34 -22.69 18.51 -9.60
C MET A 34 -22.68 19.78 -10.44
N HIS A 35 -21.91 19.74 -11.54
CA HIS A 35 -21.75 20.88 -12.44
C HIS A 35 -22.16 20.50 -13.85
N TRP A 36 -22.58 21.51 -14.60
CA TRP A 36 -22.95 21.39 -16.01
C TRP A 36 -22.01 22.23 -16.83
N VAL A 37 -21.28 21.61 -17.76
CA VAL A 37 -20.30 22.28 -18.58
C VAL A 37 -20.68 22.07 -20.05
N ARG A 38 -20.77 23.16 -20.80
CA ARG A 38 -21.19 23.09 -22.19
C ARG A 38 -20.03 23.46 -23.11
N GLN A 39 -20.04 22.89 -24.30
CA GLN A 39 -19.00 23.09 -25.29
C GLN A 39 -19.65 23.31 -26.64
N ALA A 40 -19.52 24.51 -27.18
CA ALA A 40 -20.07 24.80 -28.51
C ALA A 40 -19.21 24.12 -29.57
N PRO A 41 -19.78 23.79 -30.73
CA PRO A 41 -19.01 23.08 -31.76
C PRO A 41 -17.71 23.77 -32.10
N GLY A 42 -16.60 23.05 -31.92
CA GLY A 42 -15.29 23.57 -32.27
C GLY A 42 -14.83 24.75 -31.44
N LYS A 43 -15.29 24.85 -30.20
CA LYS A 43 -14.97 25.96 -29.32
C LYS A 43 -14.57 25.43 -27.95
N GLY A 44 -14.14 26.34 -27.08
CA GLY A 44 -13.69 25.96 -25.76
C GLY A 44 -14.80 25.41 -24.89
N LEU A 45 -14.43 25.10 -23.64
CA LEU A 45 -15.38 24.67 -22.62
C LEU A 45 -15.83 25.88 -21.81
N GLU A 46 -17.13 25.91 -21.47
CA GLU A 46 -17.73 27.00 -20.72
C GLU A 46 -18.54 26.41 -19.57
N TRP A 47 -18.24 26.82 -18.35
CA TRP A 47 -19.03 26.41 -17.20
C TRP A 47 -20.37 27.13 -17.21
N VAL A 48 -21.41 26.43 -16.76
CA VAL A 48 -22.77 26.94 -16.81
C VAL A 48 -23.36 27.07 -15.42
N ALA A 49 -23.44 25.96 -14.69
CA ALA A 49 -24.09 25.97 -13.38
C ALA A 49 -23.53 24.85 -12.52
N GLY A 50 -23.80 24.95 -11.22
CA GLY A 50 -23.34 23.97 -10.25
C GLY A 50 -24.21 24.00 -9.02
N ILE A 51 -24.26 22.86 -8.33
CA ILE A 51 -25.14 22.69 -7.18
C ILE A 51 -24.48 21.77 -6.16
N TYR A 52 -24.57 22.13 -4.88
CA TYR A 52 -24.18 21.25 -3.79
C TYR A 52 -25.38 20.38 -3.43
N ALA A 53 -25.28 19.09 -3.69
CA ALA A 53 -26.43 18.20 -3.56
C ALA A 53 -27.03 18.27 -2.15
N SER A 54 -26.19 18.15 -1.13
CA SER A 54 -26.69 18.08 0.24
C SER A 54 -27.46 19.34 0.64
N GLY A 55 -26.78 20.48 0.65
CA GLY A 55 -27.40 21.70 1.14
C GLY A 55 -28.40 22.31 0.18
N GLY A 56 -28.23 22.08 -1.11
CA GLY A 56 -29.09 22.66 -2.12
C GLY A 56 -28.63 23.99 -2.66
N ALA A 57 -27.50 24.52 -2.19
CA ALA A 57 -27.00 25.78 -2.71
C ALA A 57 -26.65 25.66 -4.18
N THR A 58 -26.82 26.76 -4.91
CA THR A 58 -26.63 26.77 -6.35
C THR A 58 -25.72 27.93 -6.75
N ALA A 59 -25.15 27.81 -7.95
CA ALA A 59 -24.32 28.86 -8.53
C ALA A 59 -24.44 28.77 -10.04
N TYR A 60 -24.56 29.93 -10.70
CA TYR A 60 -24.75 29.98 -12.14
C TYR A 60 -23.72 30.92 -12.77
N ALA A 61 -23.51 30.74 -14.06
CA ALA A 61 -22.67 31.65 -14.83
C ALA A 61 -23.48 32.85 -15.27
N ASP A 62 -22.79 33.98 -15.44
CA ASP A 62 -23.47 35.22 -15.77
C ASP A 62 -24.23 35.12 -17.10
N SER A 63 -23.69 34.34 -18.05
CA SER A 63 -24.26 34.32 -19.39
C SER A 63 -25.64 33.69 -19.41
N VAL A 64 -25.92 32.74 -18.52
CA VAL A 64 -27.21 32.05 -18.49
C VAL A 64 -27.96 32.29 -17.20
N LYS A 65 -27.55 33.30 -16.43
CA LYS A 65 -28.23 33.59 -15.17
C LYS A 65 -29.68 33.95 -15.43
N GLY A 66 -30.58 33.42 -14.60
CA GLY A 66 -32.00 33.66 -14.71
C GLY A 66 -32.73 32.70 -15.61
N ARG A 67 -32.15 32.38 -16.78
CA ARG A 67 -32.80 31.49 -17.72
C ARG A 67 -32.71 30.04 -17.27
N PHE A 68 -31.51 29.59 -16.87
CA PHE A 68 -31.33 28.20 -16.48
C PHE A 68 -31.53 28.02 -14.98
N THR A 69 -31.89 26.81 -14.59
CA THR A 69 -32.09 26.45 -13.20
C THR A 69 -31.56 25.03 -12.98
N ILE A 70 -30.78 24.84 -11.93
CA ILE A 70 -30.13 23.57 -11.64
C ILE A 70 -30.73 22.99 -10.37
N SER A 71 -30.93 21.67 -10.36
CA SER A 71 -31.55 20.99 -9.23
C SER A 71 -30.92 19.62 -9.07
N ALA A 72 -31.26 18.95 -7.95
CA ALA A 72 -30.74 17.62 -7.70
C ALA A 72 -31.73 16.86 -6.83
N ASP A 73 -31.65 15.53 -6.90
CA ASP A 73 -32.46 14.64 -6.07
C ASP A 73 -31.58 13.56 -5.50
N THR A 74 -31.63 13.41 -4.17
CA THR A 74 -30.75 12.52 -3.43
C THR A 74 -31.26 11.07 -3.47
N SER A 75 -32.57 10.88 -3.38
CA SER A 75 -33.12 9.53 -3.46
C SER A 75 -32.95 8.96 -4.87
N LYS A 76 -33.28 9.75 -5.89
CA LYS A 76 -33.00 9.34 -7.27
C LYS A 76 -31.52 9.37 -7.58
N ASN A 77 -30.73 10.10 -6.79
CA ASN A 77 -29.30 10.24 -7.01
C ASN A 77 -29.03 10.75 -8.44
N THR A 78 -29.73 11.82 -8.82
CA THR A 78 -29.55 12.40 -10.15
C THR A 78 -29.58 13.91 -10.05
N ALA A 79 -29.08 14.57 -11.11
CA ALA A 79 -29.01 16.02 -11.18
C ALA A 79 -29.71 16.50 -12.45
N TYR A 80 -30.38 17.65 -12.36
CA TYR A 80 -31.15 18.17 -13.47
C TYR A 80 -30.73 19.59 -13.79
N LEU A 81 -30.86 19.95 -15.07
CA LEU A 81 -30.67 21.32 -15.56
C LEU A 81 -31.87 21.66 -16.44
N GLN A 82 -32.77 22.48 -15.91
CA GLN A 82 -33.85 23.03 -16.70
C GLN A 82 -33.34 24.27 -17.45
N MET A 83 -33.59 24.31 -18.76
CA MET A 83 -33.12 25.38 -19.62
C MET A 83 -34.34 26.03 -20.27
N ASN A 84 -34.62 27.28 -19.91
CA ASN A 84 -35.76 28.01 -20.44
C ASN A 84 -35.26 29.22 -21.21
N SER A 85 -36.10 29.72 -22.11
CA SER A 85 -35.76 30.88 -22.94
C SER A 85 -34.45 30.64 -23.67
N LEU A 86 -34.37 29.49 -24.35
CA LEU A 86 -33.15 29.11 -25.03
C LEU A 86 -32.89 30.03 -26.23
N ARG A 87 -31.62 30.13 -26.59
CA ARG A 87 -31.17 30.97 -27.69
C ARG A 87 -30.24 30.17 -28.58
N ALA A 88 -30.05 30.64 -29.81
CA ALA A 88 -29.15 29.95 -30.73
C ALA A 88 -27.74 29.88 -30.16
N GLU A 89 -27.33 30.90 -29.40
CA GLU A 89 -26.01 30.91 -28.80
C GLU A 89 -25.81 29.75 -27.82
N ASP A 90 -26.89 29.15 -27.33
CA ASP A 90 -26.80 28.08 -26.36
C ASP A 90 -26.59 26.70 -27.00
N THR A 91 -26.65 26.59 -28.32
CA THR A 91 -26.46 25.32 -28.98
C THR A 91 -25.07 24.76 -28.66
N ALA A 92 -25.03 23.54 -28.12
CA ALA A 92 -23.75 22.95 -27.72
C ALA A 92 -23.89 21.53 -27.18
N VAL A 93 -22.76 20.90 -26.89
CA VAL A 93 -22.74 19.61 -26.20
C VAL A 93 -22.67 19.87 -24.70
N TYR A 94 -23.65 19.36 -23.97
CA TYR A 94 -23.75 19.57 -22.53
C TYR A 94 -23.27 18.31 -21.80
N TYR A 95 -22.31 18.51 -20.90
CA TYR A 95 -21.76 17.47 -20.04
C TYR A 95 -22.15 17.74 -18.59
N CYS A 96 -22.30 16.68 -17.81
CA CYS A 96 -22.46 16.79 -16.36
C CYS A 96 -21.24 16.16 -15.71
N ALA A 97 -20.75 16.78 -14.64
CA ALA A 97 -19.58 16.29 -13.94
C ALA A 97 -19.75 16.53 -12.45
N ARG A 98 -18.83 15.99 -11.67
CA ARG A 98 -18.88 16.12 -10.22
C ARG A 98 -17.55 16.63 -9.69
N SER A 99 -17.62 17.31 -8.54
CA SER A 99 -16.43 17.76 -7.83
C SER A 99 -16.68 17.59 -6.34
N TYR A 100 -15.60 17.41 -5.59
CA TYR A 100 -15.71 17.30 -4.14
C TYR A 100 -15.77 18.69 -3.52
N TYR A 101 -16.68 18.86 -2.56
CA TYR A 101 -16.86 20.14 -1.88
C TYR A 101 -17.41 21.21 -2.82
N TYR A 102 -17.62 22.42 -2.28
CA TYR A 102 -18.09 23.53 -3.08
C TYR A 102 -17.05 24.00 -4.10
N GLY A 103 -15.77 23.80 -3.80
CA GLY A 103 -14.73 24.19 -4.74
C GLY A 103 -13.38 23.70 -4.27
N GLY A 104 -12.37 23.96 -5.10
CA GLY A 104 -11.00 23.59 -4.83
C GLY A 104 -10.56 22.29 -5.47
N PHE A 105 -11.50 21.47 -5.93
CA PHE A 105 -11.21 20.17 -6.51
C PHE A 105 -11.62 20.14 -7.97
N GLY A 106 -11.02 19.20 -8.71
CA GLY A 106 -11.33 19.02 -10.11
C GLY A 106 -12.57 18.17 -10.32
N MET A 107 -12.89 17.97 -11.60
CA MET A 107 -14.05 17.18 -12.01
C MET A 107 -13.59 15.75 -12.32
N ASP A 108 -13.94 14.82 -11.41
CA ASP A 108 -13.45 13.45 -11.51
C ASP A 108 -14.05 12.74 -12.72
N TYR A 109 -15.37 12.72 -12.81
CA TYR A 109 -16.09 11.91 -13.78
C TYR A 109 -17.02 12.80 -14.59
N TRP A 110 -16.98 12.64 -15.90
CA TRP A 110 -17.88 13.34 -16.81
C TRP A 110 -18.76 12.32 -17.52
N GLY A 111 -19.98 12.72 -17.84
CA GLY A 111 -20.81 11.91 -18.71
C GLY A 111 -20.32 12.00 -20.14
N GLN A 112 -20.88 11.15 -21.00
CA GLN A 112 -20.45 11.17 -22.39
C GLN A 112 -20.94 12.42 -23.11
N GLY A 113 -22.01 13.04 -22.62
CA GLY A 113 -22.48 14.30 -23.15
C GLY A 113 -23.68 14.14 -24.04
N THR A 114 -24.48 15.20 -24.14
CA THR A 114 -25.67 15.19 -24.98
C THR A 114 -25.72 16.49 -25.79
N LEU A 115 -26.07 16.36 -27.06
CA LEU A 115 -26.09 17.50 -27.98
C LEU A 115 -27.43 18.22 -27.88
N VAL A 116 -27.38 19.55 -27.78
CA VAL A 116 -28.57 20.39 -27.74
C VAL A 116 -28.46 21.41 -28.87
N THR A 117 -29.44 21.39 -29.78
CA THR A 117 -29.47 22.27 -30.93
C THR A 117 -30.65 23.20 -30.83
N VAL A 118 -30.41 24.51 -30.98
CA VAL A 118 -31.45 25.53 -30.90
C VAL A 118 -31.52 26.22 -32.25
N SER A 119 -32.58 25.94 -33.01
CA SER A 119 -32.73 26.52 -34.34
C SER A 119 -34.20 26.52 -34.72
N SER A 120 -34.60 27.57 -35.45
CA SER A 120 -35.94 27.63 -35.99
C SER A 120 -36.18 26.60 -37.08
N ALA A 121 -35.11 26.14 -37.74
CA ALA A 121 -35.25 25.17 -38.81
C ALA A 121 -35.85 23.87 -38.30
N SER A 122 -36.57 23.18 -39.18
CA SER A 122 -37.22 21.91 -38.87
C SER A 122 -36.36 20.75 -39.36
N THR A 123 -36.61 19.57 -38.78
CA THR A 123 -35.80 18.39 -39.08
C THR A 123 -36.11 17.92 -40.50
N LYS A 124 -35.07 17.83 -41.34
CA LYS A 124 -35.21 17.47 -42.74
C LYS A 124 -34.27 16.32 -43.08
N GLY A 125 -34.67 15.52 -44.06
CA GLY A 125 -33.87 14.42 -44.54
C GLY A 125 -32.75 14.88 -45.45
N PRO A 126 -31.63 14.16 -45.45
CA PRO A 126 -30.48 14.56 -46.27
C PRO A 126 -30.65 14.20 -47.74
N SER A 127 -30.15 15.08 -48.60
CA SER A 127 -30.09 14.84 -50.04
C SER A 127 -28.67 14.40 -50.39
N VAL A 128 -28.55 13.24 -51.04
CA VAL A 128 -27.26 12.64 -51.35
C VAL A 128 -26.99 12.79 -52.84
N PHE A 129 -25.84 13.38 -53.18
CA PHE A 129 -25.42 13.58 -54.56
C PHE A 129 -24.03 13.01 -54.77
N PRO A 130 -23.78 12.37 -55.91
CA PRO A 130 -22.48 11.72 -56.12
C PRO A 130 -21.40 12.72 -56.54
N LEU A 131 -20.16 12.31 -56.37
CA LEU A 131 -18.98 13.07 -56.78
C LEU A 131 -18.13 12.07 -57.57
N ALA A 132 -18.38 11.97 -58.86
CA ALA A 132 -17.75 10.94 -59.67
C ALA A 132 -16.28 11.26 -59.92
N PRO A 133 -15.45 10.23 -60.09
CA PRO A 133 -14.02 10.48 -60.36
C PRO A 133 -13.83 11.03 -61.76
N SER A 134 -12.93 12.01 -61.87
CA SER A 134 -12.68 12.65 -63.15
C SER A 134 -12.30 11.62 -64.20
N SER A 135 -12.81 11.83 -65.42
CA SER A 135 -12.48 10.92 -66.53
C SER A 135 -11.00 11.02 -66.87
N LYS A 136 -10.43 12.22 -66.80
CA LYS A 136 -9.02 12.43 -67.12
C LYS A 136 -8.22 12.30 -65.83
N SER A 137 -8.01 11.05 -65.42
CA SER A 137 -7.27 10.71 -64.22
C SER A 137 -6.07 9.85 -64.62
N THR A 138 -4.89 10.22 -64.13
CA THR A 138 -3.68 9.49 -64.47
C THR A 138 -3.80 8.02 -64.08
N SER A 139 -3.26 7.13 -64.92
CA SER A 139 -3.31 5.71 -64.63
C SER A 139 -2.42 5.35 -63.45
N GLY A 140 -1.18 5.84 -63.46
CA GLY A 140 -0.30 5.60 -62.31
C GLY A 140 -0.86 6.21 -61.03
N GLY A 141 -1.42 7.40 -61.12
CA GLY A 141 -2.04 8.03 -59.99
C GLY A 141 -3.31 7.31 -59.57
N THR A 142 -3.92 7.83 -58.50
CA THR A 142 -5.15 7.27 -57.95
C THR A 142 -6.24 8.33 -58.02
N ALA A 143 -7.32 8.01 -58.73
CA ALA A 143 -8.45 8.92 -58.85
C ALA A 143 -9.25 8.95 -57.54
N ALA A 144 -9.86 10.10 -57.27
CA ALA A 144 -10.63 10.32 -56.05
C ALA A 144 -12.12 10.41 -56.37
N LEU A 145 -12.95 9.95 -55.43
CA LEU A 145 -14.40 9.97 -55.64
C LEU A 145 -15.08 10.19 -54.29
N GLY A 146 -16.37 10.47 -54.31
CA GLY A 146 -17.02 10.74 -53.04
C GLY A 146 -18.52 10.87 -53.12
N CYS A 147 -19.10 11.16 -51.96
CA CYS A 147 -20.53 11.37 -51.76
C CYS A 147 -20.72 12.69 -51.03
N LEU A 148 -21.80 13.40 -51.35
CA LEU A 148 -22.09 14.72 -50.79
C LEU A 148 -23.48 14.73 -50.17
N VAL A 149 -23.56 15.04 -48.88
CA VAL A 149 -24.81 15.13 -48.15
C VAL A 149 -25.13 16.60 -47.94
N LYS A 150 -26.32 17.03 -48.38
CA LYS A 150 -26.72 18.43 -48.32
C LYS A 150 -28.12 18.54 -47.74
N ASP A 151 -28.35 19.63 -47.00
CA ASP A 151 -29.71 19.98 -46.58
C ASP A 151 -30.27 18.94 -45.61
N TYR A 152 -29.61 18.78 -44.47
CA TYR A 152 -30.10 18.00 -43.35
C TYR A 152 -29.84 18.82 -42.10
N PHE A 153 -30.88 19.06 -41.30
CA PHE A 153 -30.72 20.02 -40.21
C PHE A 153 -30.21 19.37 -38.93
N PRO A 154 -30.85 18.33 -38.43
CA PRO A 154 -30.33 17.68 -37.20
C PRO A 154 -28.91 17.20 -37.42
N GLU A 155 -27.99 17.73 -36.61
CA GLU A 155 -26.56 17.54 -36.89
C GLU A 155 -26.13 16.08 -36.95
N PRO A 156 -26.56 15.19 -36.07
CA PRO A 156 -26.02 13.82 -36.08
C PRO A 156 -26.22 13.14 -37.43
N VAL A 157 -25.13 12.70 -38.03
CA VAL A 157 -25.15 11.95 -39.29
C VAL A 157 -24.01 10.95 -39.26
N THR A 158 -24.24 9.78 -39.85
CA THR A 158 -23.19 8.78 -39.97
C THR A 158 -23.04 8.36 -41.43
N VAL A 159 -21.81 8.07 -41.83
CA VAL A 159 -21.49 7.68 -43.19
C VAL A 159 -20.57 6.48 -43.16
N SER A 160 -20.74 5.57 -44.12
CA SER A 160 -19.88 4.40 -44.24
C SER A 160 -19.67 4.13 -45.73
N TRP A 161 -18.60 3.38 -46.02
CA TRP A 161 -18.21 3.06 -47.39
C TRP A 161 -18.28 1.55 -47.57
N ASN A 162 -19.19 1.11 -48.45
CA ASN A 162 -19.36 -0.31 -48.74
C ASN A 162 -19.66 -1.09 -47.46
N SER A 163 -20.63 -0.60 -46.69
CA SER A 163 -21.08 -1.26 -45.48
C SER A 163 -19.93 -1.55 -44.53
N GLY A 164 -18.91 -0.67 -44.54
CA GLY A 164 -17.76 -0.83 -43.68
C GLY A 164 -16.59 -1.56 -44.29
N ALA A 165 -16.62 -1.84 -45.59
CA ALA A 165 -15.53 -2.58 -46.23
C ALA A 165 -14.32 -1.71 -46.51
N LEU A 166 -14.53 -0.42 -46.79
CA LEU A 166 -13.46 0.51 -47.15
C LEU A 166 -13.16 1.39 -45.94
N THR A 167 -12.12 1.04 -45.19
CA THR A 167 -11.71 1.77 -43.99
C THR A 167 -10.36 2.44 -44.15
N SER A 168 -9.86 2.55 -45.38
CA SER A 168 -8.53 3.09 -45.65
C SER A 168 -8.61 4.19 -46.69
N GLY A 169 -7.81 5.24 -46.49
CA GLY A 169 -7.79 6.36 -47.41
C GLY A 169 -9.12 7.09 -47.52
N VAL A 170 -9.93 7.04 -46.47
CA VAL A 170 -11.25 7.68 -46.46
C VAL A 170 -11.16 8.92 -45.60
N HIS A 171 -11.80 10.00 -46.07
CA HIS A 171 -11.82 11.27 -45.34
C HIS A 171 -13.24 11.79 -45.33
N THR A 172 -13.84 11.88 -44.16
CA THR A 172 -15.20 12.41 -43.98
C THR A 172 -15.09 13.74 -43.27
N PHE A 173 -15.30 14.83 -44.00
CA PHE A 173 -15.14 16.16 -43.45
C PHE A 173 -16.29 16.50 -42.50
N PRO A 174 -16.04 17.43 -41.56
CA PRO A 174 -17.13 17.84 -40.66
C PRO A 174 -18.13 18.72 -41.39
N ALA A 175 -19.36 18.71 -40.87
CA ALA A 175 -20.44 19.47 -41.48
C ALA A 175 -20.21 20.97 -41.31
N VAL A 176 -20.91 21.74 -42.14
CA VAL A 176 -20.89 23.20 -42.07
C VAL A 176 -22.31 23.70 -42.07
N LEU A 177 -22.58 24.75 -41.30
CA LEU A 177 -23.92 25.30 -41.19
C LEU A 177 -24.15 26.29 -42.33
N GLN A 178 -25.11 26.00 -43.18
CA GLN A 178 -25.36 26.84 -44.34
C GLN A 178 -26.18 28.08 -43.94
N SER A 179 -26.20 29.07 -44.83
CA SER A 179 -27.02 30.25 -44.59
C SER A 179 -28.49 29.90 -44.43
N SER A 180 -28.94 28.83 -45.10
CA SER A 180 -30.32 28.41 -44.97
C SER A 180 -30.64 27.91 -43.56
N GLY A 181 -29.62 27.43 -42.85
CA GLY A 181 -29.82 26.81 -41.56
C GLY A 181 -29.75 25.30 -41.57
N LEU A 182 -29.51 24.69 -42.72
CA LEU A 182 -29.33 23.25 -42.85
C LEU A 182 -27.85 22.92 -43.00
N TYR A 183 -27.48 21.74 -42.53
CA TYR A 183 -26.10 21.30 -42.59
C TYR A 183 -25.78 20.63 -43.92
N SER A 184 -24.49 20.59 -44.25
CA SER A 184 -24.03 19.96 -45.48
C SER A 184 -22.58 19.56 -45.32
N LEU A 185 -22.28 18.30 -45.58
CA LEU A 185 -20.92 17.77 -45.45
C LEU A 185 -20.67 16.84 -46.63
N SER A 186 -19.41 16.43 -46.79
CA SER A 186 -19.03 15.53 -47.87
C SER A 186 -18.01 14.53 -47.35
N SER A 187 -18.05 13.33 -47.93
CA SER A 187 -17.09 12.28 -47.63
C SER A 187 -16.45 11.83 -48.93
N VAL A 188 -15.16 11.50 -48.89
CA VAL A 188 -14.42 11.14 -50.09
C VAL A 188 -13.47 9.99 -49.79
N VAL A 189 -13.02 9.34 -50.86
CA VAL A 189 -12.10 8.22 -50.76
C VAL A 189 -11.22 8.20 -52.01
N THR A 190 -9.98 7.77 -51.81
CA THR A 190 -8.98 7.66 -52.87
C THR A 190 -8.77 6.18 -53.16
N VAL A 191 -9.03 5.78 -54.40
CA VAL A 191 -8.85 4.38 -54.82
C VAL A 191 -8.05 4.35 -56.11
N PRO A 192 -7.43 3.21 -56.41
CA PRO A 192 -6.60 3.13 -57.62
C PRO A 192 -7.43 3.26 -58.89
N SER A 193 -6.86 3.96 -59.88
CA SER A 193 -7.59 4.22 -61.12
C SER A 193 -7.95 2.94 -61.85
N SER A 194 -7.07 1.93 -61.79
CA SER A 194 -7.33 0.68 -62.52
C SER A 194 -8.62 0.02 -62.05
N SER A 195 -8.86 0.01 -60.74
CA SER A 195 -10.04 -0.66 -60.19
C SER A 195 -11.31 0.17 -60.29
N LEU A 196 -11.30 1.27 -61.06
CA LEU A 196 -12.51 2.08 -61.19
C LEU A 196 -13.59 1.32 -61.92
N GLY A 197 -13.27 0.78 -63.10
CA GLY A 197 -14.25 0.04 -63.87
C GLY A 197 -14.62 -1.29 -63.25
N THR A 198 -13.66 -1.95 -62.60
CA THR A 198 -13.91 -3.28 -62.07
C THR A 198 -14.79 -3.23 -60.82
N GLN A 199 -14.40 -2.42 -59.84
CA GLN A 199 -15.07 -2.38 -58.55
C GLN A 199 -16.27 -1.44 -58.57
N THR A 200 -17.16 -1.64 -57.59
CA THR A 200 -18.36 -0.84 -57.42
C THR A 200 -18.32 -0.20 -56.03
N TYR A 201 -18.51 1.13 -55.98
CA TYR A 201 -18.35 1.90 -54.76
C TYR A 201 -19.68 2.52 -54.36
N ILE A 202 -20.05 2.34 -53.09
CA ILE A 202 -21.33 2.77 -52.55
C ILE A 202 -21.09 3.57 -51.28
N CYS A 203 -21.75 4.71 -51.17
CA CYS A 203 -21.75 5.50 -49.94
C CYS A 203 -23.06 5.22 -49.22
N ASN A 204 -22.99 4.88 -47.93
CA ASN A 204 -24.15 4.61 -47.11
C ASN A 204 -24.28 5.74 -46.10
N VAL A 205 -25.43 6.42 -46.10
CA VAL A 205 -25.67 7.58 -45.25
C VAL A 205 -26.85 7.25 -44.34
N ASN A 206 -26.69 7.53 -43.05
CA ASN A 206 -27.72 7.28 -42.06
C ASN A 206 -27.94 8.56 -41.26
N HIS A 207 -29.21 8.98 -41.18
CA HIS A 207 -29.66 10.16 -40.46
C HIS A 207 -30.66 9.66 -39.42
N LYS A 208 -30.16 9.41 -38.21
CA LYS A 208 -31.02 8.87 -37.16
C LYS A 208 -32.14 9.83 -36.75
N PRO A 209 -31.91 11.14 -36.64
CA PRO A 209 -33.00 12.02 -36.17
C PRO A 209 -34.24 11.98 -37.05
N SER A 210 -34.08 12.06 -38.36
CA SER A 210 -35.20 11.96 -39.27
C SER A 210 -35.47 10.52 -39.68
N ASN A 211 -34.63 9.57 -39.25
CA ASN A 211 -34.81 8.15 -39.55
C ASN A 211 -34.77 7.92 -41.05
N THR A 212 -33.73 8.46 -41.70
CA THR A 212 -33.57 8.36 -43.16
C THR A 212 -32.23 7.68 -43.44
N LYS A 213 -32.30 6.49 -44.02
CA LYS A 213 -31.12 5.72 -44.40
C LYS A 213 -31.15 5.48 -45.89
N VAL A 214 -30.03 5.76 -46.58
CA VAL A 214 -29.97 5.64 -48.03
C VAL A 214 -28.57 5.23 -48.43
N ASP A 215 -28.45 4.69 -49.65
CA ASP A 215 -27.18 4.31 -50.24
C ASP A 215 -27.15 4.78 -51.68
N LYS A 216 -25.98 5.20 -52.15
CA LYS A 216 -25.82 5.69 -53.52
C LYS A 216 -24.50 5.21 -54.08
N LYS A 217 -24.51 4.85 -55.37
CA LYS A 217 -23.34 4.32 -56.05
C LYS A 217 -22.64 5.42 -56.83
N VAL A 218 -21.32 5.31 -56.92
CA VAL A 218 -20.48 6.28 -57.62
C VAL A 218 -19.91 5.61 -58.87
N GLU A 219 -19.98 6.33 -59.99
CA GLU A 219 -19.53 5.80 -61.27
C GLU A 219 -19.03 6.97 -62.11
N PRO A 220 -18.13 6.72 -63.06
CA PRO A 220 -17.68 7.81 -63.94
C PRO A 220 -18.81 8.38 -64.80
N LYS A 221 -18.56 9.57 -65.33
CA LYS A 221 -19.52 10.22 -66.21
C LYS A 221 -19.52 9.60 -67.61
N SER A 222 -18.33 9.44 -68.21
CA SER A 222 -18.19 8.88 -69.54
C SER A 222 -18.71 9.84 -70.61
N CYS A 223 -19.99 10.23 -70.50
CA CYS A 223 -20.63 11.12 -71.46
C CYS A 223 -20.31 10.70 -72.90
N ASP B 1 -14.55 36.02 -10.16
CA ASP B 1 -14.63 36.25 -11.63
C ASP B 1 -13.24 36.34 -12.24
N ILE B 2 -12.51 35.22 -12.21
CA ILE B 2 -11.11 35.17 -12.56
C ILE B 2 -10.96 34.66 -14.00
N GLN B 3 -9.95 35.19 -14.68
CA GLN B 3 -9.68 34.88 -16.09
C GLN B 3 -8.37 34.09 -16.20
N MET B 4 -8.43 32.96 -16.89
CA MET B 4 -7.27 32.08 -17.05
C MET B 4 -6.75 32.17 -18.48
N THR B 5 -5.54 32.75 -18.62
CA THR B 5 -4.91 32.92 -19.92
C THR B 5 -3.96 31.76 -20.17
N GLN B 6 -4.24 31.00 -21.24
CA GLN B 6 -3.53 29.76 -21.54
C GLN B 6 -2.64 29.94 -22.78
N SER B 7 -1.43 29.41 -22.70
CA SER B 7 -0.48 29.45 -23.79
C SER B 7 0.29 28.13 -23.85
N PRO B 8 0.72 27.71 -25.05
CA PRO B 8 0.43 28.30 -26.37
C PRO B 8 -0.95 27.90 -26.90
N SER B 9 -1.50 28.70 -27.81
CA SER B 9 -2.78 28.35 -28.40
C SER B 9 -2.70 27.05 -29.19
N SER B 10 -1.62 26.87 -29.96
CA SER B 10 -1.40 25.65 -30.72
C SER B 10 0.07 25.28 -30.60
N LEU B 11 0.34 23.98 -30.64
CA LEU B 11 1.71 23.48 -30.48
C LEU B 11 1.89 22.24 -31.33
N SER B 12 3.02 22.17 -32.03
CA SER B 12 3.39 21.01 -32.83
C SER B 12 4.72 20.47 -32.33
N ALA B 13 4.75 19.18 -32.00
CA ALA B 13 5.95 18.56 -31.45
C ALA B 13 5.99 17.09 -31.85
N SER B 14 7.18 16.52 -31.78
CA SER B 14 7.41 15.14 -32.20
C SER B 14 7.27 14.19 -31.01
N VAL B 15 7.06 12.91 -31.33
CA VAL B 15 6.91 11.90 -30.30
C VAL B 15 8.19 11.82 -29.48
N GLY B 16 8.04 11.66 -28.16
CA GLY B 16 9.17 11.61 -27.26
C GLY B 16 9.66 12.94 -26.77
N ASP B 17 9.05 14.05 -27.20
CA ASP B 17 9.46 15.37 -26.77
C ASP B 17 8.93 15.66 -25.36
N ARG B 18 9.50 16.71 -24.75
CA ARG B 18 9.07 17.21 -23.46
C ARG B 18 8.29 18.50 -23.70
N VAL B 19 7.04 18.54 -23.21
CA VAL B 19 6.13 19.64 -23.53
C VAL B 19 5.74 20.37 -22.26
N THR B 20 5.52 21.68 -22.40
CA THR B 20 5.13 22.54 -21.30
C THR B 20 3.99 23.45 -21.74
N ILE B 21 2.98 23.59 -20.88
CA ILE B 21 1.82 24.44 -21.14
C ILE B 21 1.58 25.31 -19.92
N THR B 22 1.28 26.58 -20.15
CA THR B 22 1.19 27.56 -19.06
C THR B 22 -0.19 28.20 -18.98
N CYS B 23 -0.64 28.45 -17.75
CA CYS B 23 -1.91 29.12 -17.50
C CYS B 23 -1.69 30.14 -16.40
N ARG B 24 -1.95 31.41 -16.70
CA ARG B 24 -1.80 32.48 -15.72
C ARG B 24 -3.18 33.00 -15.34
N ALA B 25 -3.42 33.13 -14.04
CA ALA B 25 -4.69 33.59 -13.53
C ALA B 25 -4.67 35.10 -13.29
N SER B 26 -5.84 35.73 -13.45
CA SER B 26 -5.95 37.16 -13.22
C SER B 26 -5.70 37.50 -11.76
N GLN B 27 -6.24 36.71 -10.84
CA GLN B 27 -6.07 36.91 -9.41
C GLN B 27 -5.52 35.64 -8.78
N SER B 28 -5.17 35.76 -7.49
CA SER B 28 -4.65 34.61 -6.76
C SER B 28 -5.77 33.58 -6.59
N VAL B 29 -5.46 32.32 -6.86
CA VAL B 29 -6.44 31.24 -6.76
C VAL B 29 -5.97 30.15 -5.81
N SER B 30 -4.97 30.45 -4.97
CA SER B 30 -4.30 29.46 -4.12
C SER B 30 -3.85 28.33 -5.04
N SER B 31 -4.21 27.08 -4.76
CA SER B 31 -3.85 25.96 -5.62
C SER B 31 -5.12 25.20 -5.99
N ALA B 32 -6.02 25.88 -6.69
CA ALA B 32 -7.29 25.31 -7.12
C ALA B 32 -7.36 25.15 -8.63
N VAL B 33 -6.22 24.95 -9.28
CA VAL B 33 -6.17 24.75 -10.72
C VAL B 33 -6.16 23.26 -11.02
N ALA B 34 -6.75 22.91 -12.16
CA ALA B 34 -6.86 21.53 -12.64
C ALA B 34 -6.58 21.51 -14.12
N TRP B 35 -6.10 20.37 -14.61
CA TRP B 35 -5.75 20.18 -16.01
C TRP B 35 -6.51 18.98 -16.56
N TYR B 36 -7.15 19.19 -17.72
CA TYR B 36 -7.94 18.18 -18.40
C TYR B 36 -7.43 17.96 -19.82
N GLN B 37 -7.68 16.76 -20.34
CA GLN B 37 -7.37 16.38 -21.71
C GLN B 37 -8.66 15.97 -22.42
N GLN B 38 -8.81 16.41 -23.66
CA GLN B 38 -9.97 16.08 -24.48
C GLN B 38 -9.51 15.67 -25.87
N LYS B 39 -9.98 14.51 -26.32
CA LYS B 39 -9.84 14.00 -27.67
C LYS B 39 -11.13 14.22 -28.45
N PRO B 40 -11.06 14.24 -29.78
CA PRO B 40 -12.26 14.54 -30.57
C PRO B 40 -13.41 13.60 -30.25
N GLY B 41 -14.59 14.20 -30.04
CA GLY B 41 -15.80 13.42 -29.79
C GLY B 41 -15.83 12.68 -28.48
N LYS B 42 -15.04 13.12 -27.50
CA LYS B 42 -14.98 12.48 -26.20
C LYS B 42 -15.03 13.53 -25.11
N ALA B 43 -15.59 13.15 -23.96
CA ALA B 43 -15.64 14.04 -22.82
C ALA B 43 -14.23 14.37 -22.35
N PRO B 44 -14.04 15.49 -21.67
CA PRO B 44 -12.74 15.77 -21.06
C PRO B 44 -12.39 14.72 -20.01
N LYS B 45 -11.12 14.36 -19.96
CA LYS B 45 -10.60 13.41 -18.97
C LYS B 45 -9.70 14.17 -18.01
N LEU B 46 -9.97 14.05 -16.71
CA LEU B 46 -9.20 14.78 -15.71
C LEU B 46 -7.78 14.22 -15.62
N LEU B 47 -6.80 15.12 -15.67
CA LEU B 47 -5.39 14.76 -15.56
C LEU B 47 -4.77 15.19 -14.23
N ILE B 48 -4.90 16.45 -13.85
CA ILE B 48 -4.32 16.94 -12.60
C ILE B 48 -5.34 17.81 -11.88
N TYR B 49 -5.24 17.83 -10.55
CA TYR B 49 -6.11 18.65 -9.72
C TYR B 49 -5.30 19.28 -8.60
N SER B 50 -5.87 20.34 -8.01
CA SER B 50 -5.19 21.10 -6.96
C SER B 50 -3.74 21.41 -7.33
N ALA B 51 -3.53 21.71 -8.61
CA ALA B 51 -2.24 22.21 -9.10
C ALA B 51 -1.25 21.10 -9.40
N SER B 52 -0.91 20.28 -8.41
CA SER B 52 0.21 19.34 -8.52
C SER B 52 -0.12 17.99 -7.92
N ASP B 53 -1.34 17.50 -8.12
CA ASP B 53 -1.77 16.20 -7.60
C ASP B 53 -2.23 15.30 -8.74
N LEU B 54 -1.53 14.18 -8.93
CA LEU B 54 -1.88 13.23 -9.97
C LEU B 54 -3.19 12.53 -9.66
N TYR B 55 -3.95 12.23 -10.71
CA TYR B 55 -5.22 11.52 -10.60
C TYR B 55 -5.00 10.04 -10.84
N SER B 56 -5.75 9.21 -10.12
CA SER B 56 -5.61 7.77 -10.27
C SER B 56 -5.81 7.35 -11.73
N GLY B 57 -4.99 6.40 -12.16
CA GLY B 57 -5.10 5.89 -13.52
C GLY B 57 -4.56 6.83 -14.57
N VAL B 58 -3.58 7.66 -14.24
CA VAL B 58 -3.03 8.63 -15.18
C VAL B 58 -1.52 8.45 -15.29
N PRO B 59 -0.97 8.30 -16.49
CA PRO B 59 0.49 8.12 -16.62
C PRO B 59 1.29 9.11 -15.78
N SER B 60 2.39 8.61 -15.22
CA SER B 60 3.26 9.41 -14.35
C SER B 60 4.01 10.50 -15.10
N ARG B 61 3.99 10.50 -16.43
CA ARG B 61 4.71 11.53 -17.16
C ARG B 61 4.08 12.90 -16.98
N PHE B 62 2.79 12.94 -16.70
CA PHE B 62 2.08 14.21 -16.50
C PHE B 62 2.43 14.77 -15.13
N SER B 63 2.84 16.04 -15.09
CA SER B 63 3.16 16.70 -13.84
C SER B 63 2.61 18.12 -13.85
N GLY B 64 2.41 18.66 -12.66
CA GLY B 64 1.86 20.00 -12.52
C GLY B 64 2.61 20.81 -11.49
N SER B 65 2.78 22.10 -11.77
CA SER B 65 3.57 22.99 -10.94
C SER B 65 2.86 24.32 -10.78
N ARG B 66 3.16 25.01 -9.69
CA ARG B 66 2.61 26.34 -9.42
C ARG B 66 3.73 27.25 -8.92
N SER B 67 3.91 28.38 -9.59
CA SER B 67 4.84 29.43 -9.18
C SER B 67 4.03 30.71 -9.05
N GLY B 68 3.74 31.10 -7.82
CA GLY B 68 2.92 32.28 -7.59
C GLY B 68 1.53 32.06 -8.16
N THR B 69 1.16 32.90 -9.12
CA THR B 69 -0.13 32.80 -9.81
C THR B 69 0.01 32.19 -11.20
N ASP B 70 1.18 31.63 -11.54
CA ASP B 70 1.41 30.94 -12.79
C ASP B 70 1.36 29.44 -12.56
N PHE B 71 0.69 28.72 -13.46
CA PHE B 71 0.54 27.27 -13.34
C PHE B 71 1.07 26.61 -14.60
N THR B 72 1.68 25.44 -14.44
CA THR B 72 2.37 24.78 -15.52
C THR B 72 2.02 23.30 -15.54
N LEU B 73 1.79 22.78 -16.74
CA LEU B 73 1.57 21.35 -16.97
C LEU B 73 2.69 20.85 -17.86
N THR B 74 3.36 19.79 -17.44
CA THR B 74 4.53 19.27 -18.11
C THR B 74 4.34 17.81 -18.49
N ILE B 75 4.80 17.47 -19.69
CA ILE B 75 4.88 16.09 -20.15
C ILE B 75 6.35 15.77 -20.33
N SER B 76 6.84 14.78 -19.59
CA SER B 76 8.22 14.35 -19.70
C SER B 76 8.52 13.84 -21.10
N SER B 77 7.79 12.82 -21.54
CA SER B 77 7.95 12.23 -22.86
C SER B 77 6.57 12.01 -23.49
N LEU B 78 6.46 12.38 -24.77
CA LEU B 78 5.20 12.29 -25.49
C LEU B 78 4.99 10.89 -26.05
N GLN B 79 3.74 10.43 -26.03
CA GLN B 79 3.34 9.16 -26.61
C GLN B 79 2.18 9.37 -27.57
N PRO B 80 2.04 8.52 -28.58
CA PRO B 80 1.04 8.77 -29.63
C PRO B 80 -0.35 9.07 -29.09
N GLU B 81 -0.68 8.58 -27.89
CA GLU B 81 -1.99 8.84 -27.29
C GLU B 81 -2.09 10.21 -26.65
N ASP B 82 -0.97 10.90 -26.45
CA ASP B 82 -0.98 12.21 -25.82
C ASP B 82 -1.30 13.35 -26.77
N PHE B 83 -1.56 13.06 -28.05
CA PHE B 83 -1.87 14.09 -29.02
C PHE B 83 -3.37 14.37 -28.95
N ALA B 84 -3.73 15.50 -28.37
CA ALA B 84 -5.12 15.89 -28.13
C ALA B 84 -5.11 17.34 -27.68
N THR B 85 -6.26 17.82 -27.21
CA THR B 85 -6.37 19.18 -26.70
C THR B 85 -6.32 19.16 -25.18
N TYR B 86 -5.79 20.24 -24.61
CA TYR B 86 -5.58 20.34 -23.16
C TYR B 86 -6.14 21.65 -22.63
N TYR B 87 -6.84 21.58 -21.51
CA TYR B 87 -7.46 22.74 -20.89
C TYR B 87 -7.02 22.86 -19.44
N CYS B 88 -6.96 24.10 -18.95
CA CYS B 88 -6.79 24.37 -17.53
C CYS B 88 -8.06 25.00 -17.00
N GLN B 89 -8.34 24.78 -15.72
CA GLN B 89 -9.60 25.20 -15.12
C GLN B 89 -9.34 25.58 -13.68
N GLN B 90 -10.01 26.63 -13.20
CA GLN B 90 -9.86 27.08 -11.83
C GLN B 90 -11.19 26.92 -11.11
N SER B 91 -11.14 26.48 -9.85
CA SER B 91 -12.32 26.30 -9.02
C SER B 91 -12.20 27.08 -7.72
N HIS B 92 -11.52 28.23 -7.77
CA HIS B 92 -11.31 29.07 -6.59
C HIS B 92 -12.47 30.03 -6.37
N THR B 93 -12.76 30.86 -7.37
CA THR B 93 -13.81 31.87 -7.28
C THR B 93 -14.82 31.65 -8.39
N TYR B 94 -16.09 31.51 -8.02
CA TYR B 94 -17.13 31.29 -9.01
C TYR B 94 -17.51 32.60 -9.69
N PRO B 95 -17.92 32.55 -10.97
CA PRO B 95 -18.07 31.38 -11.84
C PRO B 95 -16.73 30.78 -12.26
N ILE B 96 -16.64 29.44 -12.30
CA ILE B 96 -15.38 28.80 -12.63
C ILE B 96 -15.11 28.99 -14.12
N THR B 97 -13.84 29.17 -14.47
CA THR B 97 -13.45 29.54 -15.82
C THR B 97 -12.37 28.61 -16.33
N PHE B 98 -12.54 28.15 -17.57
CA PHE B 98 -11.55 27.30 -18.22
C PHE B 98 -10.58 28.17 -19.02
N GLY B 99 -9.52 27.54 -19.52
CA GLY B 99 -8.58 28.20 -20.39
C GLY B 99 -9.04 28.15 -21.84
N GLN B 100 -8.36 28.93 -22.67
CA GLN B 100 -8.75 29.02 -24.07
C GLN B 100 -8.51 27.69 -24.80
N GLY B 101 -7.55 26.91 -24.34
CA GLY B 101 -7.26 25.63 -24.93
C GLY B 101 -5.88 25.61 -25.58
N THR B 102 -5.29 24.42 -25.63
CA THR B 102 -3.99 24.20 -26.27
C THR B 102 -4.06 22.92 -27.08
N LYS B 103 -4.00 23.04 -28.40
CA LYS B 103 -4.02 21.88 -29.28
C LYS B 103 -2.60 21.42 -29.53
N VAL B 104 -2.37 20.11 -29.40
CA VAL B 104 -1.06 19.50 -29.59
C VAL B 104 -1.13 18.58 -30.79
N GLU B 105 -0.33 18.89 -31.82
CA GLU B 105 -0.37 18.19 -33.10
C GLU B 105 0.96 17.51 -33.34
N ILE B 106 0.91 16.34 -33.98
CA ILE B 106 2.11 15.59 -34.29
C ILE B 106 2.83 16.25 -35.45
N LYS B 107 4.12 16.54 -35.28
CA LYS B 107 4.91 17.16 -36.32
C LYS B 107 5.16 16.18 -37.47
N ARG B 108 5.27 16.73 -38.67
CA ARG B 108 5.42 15.94 -39.88
C ARG B 108 6.11 16.77 -40.95
N THR B 109 6.77 16.09 -41.88
CA THR B 109 7.45 16.76 -42.98
C THR B 109 6.44 17.40 -43.92
N VAL B 110 6.86 18.49 -44.57
CA VAL B 110 5.96 19.21 -45.46
C VAL B 110 5.52 18.30 -46.59
N ALA B 111 4.20 18.28 -46.84
CA ALA B 111 3.60 17.51 -47.91
C ALA B 111 2.68 18.40 -48.72
N ALA B 112 2.65 18.16 -50.04
CA ALA B 112 1.79 18.94 -50.93
C ALA B 112 0.41 18.33 -50.98
N PRO B 113 -0.62 19.12 -51.27
CA PRO B 113 -1.99 18.57 -51.30
C PRO B 113 -2.31 17.92 -52.63
N SER B 114 -2.99 16.78 -52.58
CA SER B 114 -3.58 16.20 -53.77
C SER B 114 -4.93 16.86 -53.98
N VAL B 115 -5.05 17.61 -55.08
CA VAL B 115 -6.23 18.45 -55.34
C VAL B 115 -7.07 17.81 -56.44
N PHE B 116 -8.39 17.84 -56.25
CA PHE B 116 -9.36 17.32 -57.20
C PHE B 116 -10.55 18.28 -57.25
N ILE B 117 -11.23 18.28 -58.39
CA ILE B 117 -12.41 19.12 -58.61
C ILE B 117 -13.56 18.21 -59.01
N PHE B 118 -14.72 18.42 -58.41
CA PHE B 118 -15.92 17.63 -58.69
C PHE B 118 -17.03 18.55 -59.16
N PRO B 119 -17.56 18.36 -60.37
CA PRO B 119 -18.65 19.21 -60.86
C PRO B 119 -19.98 18.81 -60.25
N PRO B 120 -21.01 19.62 -60.41
CA PRO B 120 -22.31 19.29 -59.83
C PRO B 120 -22.95 18.12 -60.56
N SER B 121 -23.61 17.27 -59.79
CA SER B 121 -24.35 16.16 -60.36
C SER B 121 -25.58 16.67 -61.11
N ASP B 122 -26.05 15.87 -62.07
CA ASP B 122 -27.25 16.24 -62.82
C ASP B 122 -28.49 16.11 -61.94
N GLU B 123 -28.53 15.08 -61.10
CA GLU B 123 -29.62 14.94 -60.14
C GLU B 123 -29.80 16.21 -59.33
N GLN B 124 -28.69 16.85 -58.94
CA GLN B 124 -28.78 18.12 -58.22
C GLN B 124 -29.31 19.22 -59.13
N LEU B 125 -28.90 19.23 -60.39
CA LEU B 125 -29.39 20.24 -61.32
C LEU B 125 -30.89 20.15 -61.50
N LYS B 126 -31.46 18.94 -61.39
CA LYS B 126 -32.91 18.81 -61.44
C LYS B 126 -33.58 19.67 -60.36
N SER B 127 -32.98 19.72 -59.17
CA SER B 127 -33.58 20.48 -58.07
C SER B 127 -33.47 21.98 -58.30
N GLY B 128 -32.44 22.44 -59.00
CA GLY B 128 -32.27 23.84 -59.32
C GLY B 128 -31.05 24.50 -58.69
N THR B 129 -30.21 23.76 -57.98
CA THR B 129 -29.01 24.30 -57.36
C THR B 129 -27.81 23.45 -57.75
N ALA B 130 -26.66 24.09 -57.96
CA ALA B 130 -25.44 23.41 -58.37
C ALA B 130 -24.36 23.65 -57.33
N SER B 131 -23.73 22.56 -56.88
CA SER B 131 -22.66 22.60 -55.89
C SER B 131 -21.39 22.05 -56.53
N VAL B 132 -20.35 22.88 -56.56
CA VAL B 132 -19.05 22.49 -57.08
C VAL B 132 -18.14 22.23 -55.89
N VAL B 133 -17.47 21.08 -55.87
CA VAL B 133 -16.66 20.69 -54.73
C VAL B 133 -15.19 20.72 -55.14
N CYS B 134 -14.34 21.14 -54.22
CA CYS B 134 -12.90 21.10 -54.40
C CYS B 134 -12.28 20.42 -53.20
N LEU B 135 -11.50 19.37 -53.45
CA LEU B 135 -10.91 18.57 -52.40
C LEU B 135 -9.40 18.69 -52.48
N LEU B 136 -8.75 18.95 -51.34
CA LEU B 136 -7.30 18.87 -51.29
C LEU B 136 -6.93 18.09 -50.04
N ASN B 137 -6.42 16.88 -50.25
CA ASN B 137 -6.21 15.94 -49.15
C ASN B 137 -4.73 15.58 -49.01
N ASN B 138 -4.38 15.15 -47.79
CA ASN B 138 -3.06 14.61 -47.45
C ASN B 138 -1.97 15.66 -47.68
N PHE B 139 -2.06 16.72 -46.87
CA PHE B 139 -1.12 17.82 -46.89
C PHE B 139 -0.83 18.25 -45.46
N TYR B 140 0.31 18.93 -45.29
CA TYR B 140 0.77 19.44 -44.01
C TYR B 140 1.69 20.59 -44.32
N PRO B 141 1.68 21.70 -43.55
CA PRO B 141 0.86 22.04 -42.38
C PRO B 141 -0.62 22.34 -42.68
N ARG B 142 -1.41 22.52 -41.62
CA ARG B 142 -2.83 22.78 -41.78
C ARG B 142 -3.08 24.02 -42.65
N GLU B 143 -2.23 25.03 -42.55
CA GLU B 143 -2.48 26.28 -43.24
C GLU B 143 -2.53 26.06 -44.75
N ALA B 144 -3.58 26.58 -45.38
CA ALA B 144 -3.79 26.43 -46.82
C ALA B 144 -4.86 27.42 -47.24
N LYS B 145 -4.82 27.82 -48.51
CA LYS B 145 -5.76 28.80 -49.05
C LYS B 145 -6.41 28.26 -50.31
N VAL B 146 -7.74 28.38 -50.38
CA VAL B 146 -8.54 27.95 -51.53
C VAL B 146 -9.29 29.16 -52.07
N GLN B 147 -9.13 29.42 -53.36
CA GLN B 147 -9.76 30.56 -54.05
C GLN B 147 -10.60 30.03 -55.20
N TRP B 148 -11.86 30.44 -55.26
CA TRP B 148 -12.77 30.02 -56.31
C TRP B 148 -12.77 31.06 -57.42
N LYS B 149 -12.49 30.63 -58.66
CA LYS B 149 -12.44 31.52 -59.81
C LYS B 149 -13.37 31.03 -60.89
N VAL B 150 -14.32 31.88 -61.29
CA VAL B 150 -15.30 31.56 -62.32
C VAL B 150 -15.03 32.46 -63.50
N ASP B 151 -14.53 31.87 -64.60
CA ASP B 151 -14.08 32.64 -65.76
C ASP B 151 -13.04 33.68 -65.35
N ASN B 152 -12.13 33.28 -64.45
CA ASN B 152 -11.04 34.12 -63.98
C ASN B 152 -11.53 35.31 -63.16
N ALA B 153 -12.67 35.17 -62.49
CA ALA B 153 -13.23 36.21 -61.64
C ALA B 153 -13.50 35.63 -60.27
N LEU B 154 -12.92 36.24 -59.24
CA LEU B 154 -13.01 35.68 -57.89
C LEU B 154 -14.46 35.70 -57.41
N GLN B 155 -14.88 34.61 -56.80
CA GLN B 155 -16.24 34.46 -56.28
C GLN B 155 -16.19 34.46 -54.76
N SER B 156 -16.98 35.35 -54.14
CA SER B 156 -16.97 35.55 -52.71
C SER B 156 -18.39 35.52 -52.16
N GLY B 157 -18.54 34.93 -50.98
CA GLY B 157 -19.81 34.93 -50.27
C GLY B 157 -20.62 33.66 -50.41
N ASN B 158 -20.17 32.71 -51.22
CA ASN B 158 -20.93 31.49 -51.48
C ASN B 158 -20.07 30.23 -51.37
N SER B 159 -18.93 30.32 -50.70
CA SER B 159 -18.01 29.20 -50.54
C SER B 159 -17.88 28.88 -49.06
N GLN B 160 -17.86 27.57 -48.75
CA GLN B 160 -17.73 27.11 -47.38
C GLN B 160 -16.78 25.92 -47.33
N GLU B 161 -15.84 25.93 -46.39
CA GLU B 161 -14.85 24.87 -46.32
C GLU B 161 -14.78 24.25 -44.94
N SER B 162 -14.37 22.99 -44.89
CA SER B 162 -14.18 22.26 -43.65
C SER B 162 -12.89 21.47 -43.73
N VAL B 163 -12.28 21.23 -42.57
CA VAL B 163 -10.99 20.56 -42.47
C VAL B 163 -11.13 19.36 -41.55
N THR B 164 -10.44 18.28 -41.87
CA THR B 164 -10.44 17.10 -41.04
C THR B 164 -9.38 17.21 -39.95
N GLU B 165 -9.43 16.29 -39.00
CA GLU B 165 -8.37 16.19 -38.01
C GLU B 165 -7.21 15.38 -38.58
N GLN B 166 -6.06 15.42 -37.90
CA GLN B 166 -4.91 14.68 -38.37
C GLN B 166 -5.27 13.20 -38.50
N ASP B 167 -4.81 12.60 -39.59
CA ASP B 167 -5.09 11.18 -39.81
C ASP B 167 -4.37 10.34 -38.77
N SER B 168 -5.01 9.22 -38.40
CA SER B 168 -4.41 8.32 -37.42
C SER B 168 -3.05 7.83 -37.89
N LYS B 169 -2.96 7.43 -39.15
CA LYS B 169 -1.75 6.85 -39.72
C LYS B 169 -0.97 7.82 -40.59
N ASP B 170 -1.65 8.63 -41.39
CA ASP B 170 -0.96 9.58 -42.25
C ASP B 170 -0.40 10.76 -41.46
N SER B 171 -1.14 11.23 -40.46
CA SER B 171 -0.77 12.43 -39.70
C SER B 171 -0.80 13.67 -40.59
N THR B 172 -1.75 13.69 -41.53
CA THR B 172 -1.89 14.77 -42.50
C THR B 172 -3.32 15.28 -42.51
N TYR B 173 -3.47 16.51 -42.96
CA TYR B 173 -4.76 17.19 -43.00
C TYR B 173 -5.40 17.10 -44.39
N SER B 174 -6.71 17.32 -44.42
CA SER B 174 -7.47 17.35 -45.65
C SER B 174 -8.54 18.44 -45.54
N LEU B 175 -8.87 19.03 -46.68
CA LEU B 175 -9.79 20.16 -46.71
C LEU B 175 -10.77 19.98 -47.88
N SER B 176 -12.00 20.41 -47.65
CA SER B 176 -13.06 20.34 -48.66
C SER B 176 -13.77 21.68 -48.71
N SER B 177 -13.75 22.32 -49.87
CA SER B 177 -14.41 23.61 -50.09
C SER B 177 -15.54 23.44 -51.10
N THR B 178 -16.76 23.80 -50.70
CA THR B 178 -17.94 23.68 -51.53
C THR B 178 -18.44 25.06 -51.92
N LEU B 179 -18.71 25.24 -53.21
CA LEU B 179 -19.23 26.48 -53.77
C LEU B 179 -20.60 26.19 -54.33
N THR B 180 -21.64 26.76 -53.73
CA THR B 180 -23.01 26.48 -54.10
C THR B 180 -23.63 27.72 -54.75
N LEU B 181 -24.39 27.51 -55.82
CA LEU B 181 -25.07 28.62 -56.47
C LEU B 181 -26.20 28.09 -57.33
N SER B 182 -27.14 28.98 -57.65
CA SER B 182 -28.35 28.56 -58.35
C SER B 182 -28.04 28.07 -59.75
N LYS B 183 -28.91 27.19 -60.25
CA LYS B 183 -28.74 26.66 -61.60
C LYS B 183 -28.69 27.77 -62.62
N ALA B 184 -29.56 28.78 -62.48
CA ALA B 184 -29.55 29.90 -63.41
C ALA B 184 -28.19 30.59 -63.42
N ASP B 185 -27.65 30.89 -62.24
CA ASP B 185 -26.37 31.55 -62.17
C ASP B 185 -25.23 30.61 -62.56
N TYR B 186 -25.40 29.30 -62.33
CA TYR B 186 -24.39 28.34 -62.75
C TYR B 186 -24.28 28.30 -64.27
N GLU B 187 -25.42 28.30 -64.96
CA GLU B 187 -25.44 28.25 -66.42
C GLU B 187 -24.93 29.53 -67.06
N LYS B 188 -24.78 30.62 -66.29
CA LYS B 188 -24.34 31.88 -66.87
C LYS B 188 -22.87 31.83 -67.29
N HIS B 189 -22.05 31.05 -66.60
CA HIS B 189 -20.62 30.97 -66.88
C HIS B 189 -20.25 29.58 -67.39
N LYS B 190 -19.03 29.47 -67.93
CA LYS B 190 -18.58 28.25 -68.58
C LYS B 190 -17.38 27.60 -67.92
N VAL B 191 -16.54 28.35 -67.20
CA VAL B 191 -15.31 27.82 -66.62
C VAL B 191 -15.39 27.95 -65.11
N TYR B 192 -15.03 26.87 -64.39
CA TYR B 192 -15.04 26.85 -62.94
C TYR B 192 -13.71 26.28 -62.47
N ALA B 193 -12.98 27.04 -61.66
CA ALA B 193 -11.64 26.65 -61.25
C ALA B 193 -11.46 26.85 -59.75
N CYS B 194 -10.62 26.00 -59.17
CA CYS B 194 -10.30 26.00 -57.74
C CYS B 194 -8.80 26.18 -57.59
N GLU B 195 -8.37 27.43 -57.43
CA GLU B 195 -6.97 27.74 -57.19
C GLU B 195 -6.59 27.43 -55.75
N VAL B 196 -5.40 26.87 -55.57
CA VAL B 196 -4.94 26.39 -54.27
C VAL B 196 -3.53 26.89 -54.02
N THR B 197 -3.33 27.51 -52.86
CA THR B 197 -2.03 28.01 -52.42
C THR B 197 -1.66 27.32 -51.13
N HIS B 198 -0.48 26.68 -51.12
CA HIS B 198 0.01 25.94 -49.98
C HIS B 198 1.46 26.31 -49.71
N GLN B 199 1.90 26.07 -48.47
CA GLN B 199 3.31 26.29 -48.14
C GLN B 199 4.21 25.38 -48.95
N GLY B 200 3.85 24.10 -49.05
CA GLY B 200 4.65 23.15 -49.80
C GLY B 200 4.26 23.11 -51.27
N LEU B 201 4.34 24.26 -51.94
CA LEU B 201 4.00 24.35 -53.35
C LEU B 201 4.77 25.50 -53.98
N SER B 202 5.50 25.21 -55.05
CA SER B 202 6.27 26.25 -55.73
C SER B 202 5.35 27.33 -56.29
N SER B 203 4.23 26.94 -56.90
CA SER B 203 3.28 27.87 -57.48
C SER B 203 1.87 27.38 -57.18
N PRO B 204 0.88 28.28 -57.22
CA PRO B 204 -0.50 27.86 -56.95
C PRO B 204 -1.01 26.88 -57.99
N VAL B 205 -1.64 25.80 -57.51
CA VAL B 205 -2.27 24.82 -58.39
C VAL B 205 -3.65 25.32 -58.79
N THR B 206 -4.12 24.92 -59.98
CA THR B 206 -5.41 25.43 -60.47
C THR B 206 -6.11 24.32 -61.27
N LYS B 207 -6.79 23.43 -60.54
CA LYS B 207 -7.65 22.44 -61.18
C LYS B 207 -8.97 23.11 -61.57
N SER B 208 -9.43 22.85 -62.80
CA SER B 208 -10.62 23.51 -63.32
C SER B 208 -11.40 22.55 -64.21
N PHE B 209 -12.60 22.99 -64.60
CA PHE B 209 -13.46 22.24 -65.50
C PHE B 209 -14.37 23.21 -66.23
N ASN B 210 -14.90 22.75 -67.37
CA ASN B 210 -15.76 23.57 -68.23
C ASN B 210 -17.15 22.95 -68.29
N ARG B 211 -18.16 23.79 -68.08
CA ARG B 211 -19.54 23.32 -68.10
C ARG B 211 -19.93 22.85 -69.50
N GLY B 212 -20.64 21.73 -69.56
CA GLY B 212 -21.05 21.13 -70.82
C GLY B 212 -20.02 20.25 -71.46
N GLU B 213 -18.98 19.85 -70.72
CA GLU B 213 -17.93 18.97 -71.22
C GLU B 213 -17.61 17.96 -70.14
N CYS B 214 -17.08 16.81 -70.53
CA CYS B 214 -16.73 15.77 -69.58
C CYS B 214 -15.31 15.27 -69.80
N GLU C 1 -9.07 -6.61 16.20
CA GLU C 1 -8.13 -7.11 17.24
C GLU C 1 -8.51 -8.54 17.64
N VAL C 2 -7.82 -9.51 17.06
CA VAL C 2 -8.05 -10.91 17.37
C VAL C 2 -7.58 -11.21 18.79
N GLN C 3 -8.34 -12.02 19.51
CA GLN C 3 -8.02 -12.36 20.89
C GLN C 3 -8.44 -13.79 21.21
N LEU C 4 -7.61 -14.46 22.02
CA LEU C 4 -7.83 -15.82 22.47
C LEU C 4 -7.69 -15.83 23.98
N VAL C 5 -8.72 -16.29 24.69
CA VAL C 5 -8.73 -16.27 26.15
C VAL C 5 -8.98 -17.68 26.66
N GLU C 6 -8.08 -18.17 27.51
CA GLU C 6 -8.21 -19.48 28.13
C GLU C 6 -9.00 -19.40 29.43
N SER C 7 -9.58 -20.53 29.80
CA SER C 7 -10.33 -20.63 31.05
C SER C 7 -10.45 -22.11 31.41
N GLY C 8 -10.89 -22.36 32.64
CA GLY C 8 -11.10 -23.71 33.10
C GLY C 8 -9.92 -24.37 33.78
N GLY C 9 -8.78 -23.68 33.87
CA GLY C 9 -7.66 -24.22 34.59
C GLY C 9 -7.93 -24.32 36.09
N GLY C 10 -7.16 -25.16 36.76
CA GLY C 10 -7.32 -25.30 38.19
C GLY C 10 -6.46 -26.40 38.77
N LEU C 11 -6.94 -26.98 39.86
CA LEU C 11 -6.24 -28.05 40.58
C LEU C 11 -7.08 -29.31 40.50
N VAL C 12 -6.45 -30.42 40.16
CA VAL C 12 -7.14 -31.71 40.05
C VAL C 12 -6.21 -32.80 40.56
N GLN C 13 -6.81 -33.82 41.17
CA GLN C 13 -6.04 -34.94 41.70
C GLN C 13 -5.63 -35.88 40.57
N PRO C 14 -4.65 -36.74 40.81
CA PRO C 14 -4.24 -37.69 39.76
C PRO C 14 -5.40 -38.60 39.39
N GLY C 15 -5.56 -38.81 38.09
CA GLY C 15 -6.66 -39.59 37.57
C GLY C 15 -7.95 -38.83 37.36
N GLY C 16 -8.00 -37.54 37.72
CA GLY C 16 -9.19 -36.75 37.60
C GLY C 16 -9.41 -36.25 36.17
N SER C 17 -10.37 -35.35 36.04
CA SER C 17 -10.73 -34.79 34.75
C SER C 17 -10.85 -33.27 34.86
N LEU C 18 -10.52 -32.59 33.76
CA LEU C 18 -10.58 -31.14 33.71
C LEU C 18 -10.78 -30.70 32.26
N ARG C 19 -11.67 -29.74 32.06
CA ARG C 19 -12.00 -29.24 30.73
C ARG C 19 -11.50 -27.82 30.58
N LEU C 20 -10.60 -27.61 29.63
CA LEU C 20 -10.07 -26.28 29.33
C LEU C 20 -10.83 -25.69 28.15
N SER C 21 -11.16 -24.41 28.27
CA SER C 21 -11.93 -23.70 27.27
C SER C 21 -11.08 -22.57 26.70
N CYS C 22 -11.30 -22.26 25.43
CA CYS C 22 -10.54 -21.21 24.74
C CYS C 22 -11.51 -20.43 23.86
N ALA C 23 -11.90 -19.26 24.33
CA ALA C 23 -12.85 -18.42 23.60
C ALA C 23 -12.09 -17.48 22.67
N ALA C 24 -12.56 -17.40 21.43
CA ALA C 24 -11.92 -16.59 20.41
C ALA C 24 -12.84 -15.43 20.04
N SER C 25 -12.23 -14.28 19.78
CA SER C 25 -12.96 -13.09 19.38
C SER C 25 -12.16 -12.35 18.32
N GLY C 26 -12.85 -11.60 17.48
CA GLY C 26 -12.21 -10.85 16.43
C GLY C 26 -11.90 -11.64 15.17
N PHE C 27 -12.36 -12.88 15.09
CA PHE C 27 -12.20 -13.68 13.88
C PHE C 27 -13.13 -14.88 13.97
N ASP C 28 -13.42 -15.46 12.81
CA ASP C 28 -14.31 -16.61 12.71
C ASP C 28 -13.49 -17.90 12.69
N LEU C 29 -13.94 -18.88 13.47
CA LEU C 29 -13.16 -20.11 13.60
C LEU C 29 -13.06 -20.86 12.27
N GLY C 30 -14.01 -20.64 11.37
CA GLY C 30 -13.99 -21.28 10.07
C GLY C 30 -12.68 -21.16 9.32
N GLY C 31 -12.32 -22.21 8.58
CA GLY C 31 -11.09 -22.20 7.80
C GLY C 31 -9.82 -22.23 8.61
N TYR C 32 -9.90 -22.38 9.92
CA TYR C 32 -8.75 -22.35 10.80
C TYR C 32 -8.66 -23.67 11.56
N SER C 33 -7.49 -23.92 12.14
CA SER C 33 -7.26 -25.09 12.98
C SER C 33 -6.78 -24.61 14.34
N MET C 34 -7.46 -25.06 15.40
CA MET C 34 -7.14 -24.68 16.76
C MET C 34 -6.27 -25.76 17.39
N HIS C 35 -5.18 -25.33 18.04
CA HIS C 35 -4.22 -26.23 18.67
C HIS C 35 -4.09 -25.91 20.15
N TRP C 36 -3.75 -26.94 20.91
CA TRP C 36 -3.44 -26.85 22.33
C TRP C 36 -2.00 -27.27 22.51
N VAL C 37 -1.18 -26.35 23.04
CA VAL C 37 0.25 -26.51 23.25
C VAL C 37 0.56 -26.29 24.72
N ARG C 38 1.25 -27.24 25.34
CA ARG C 38 1.54 -27.17 26.76
C ARG C 38 3.03 -26.97 27.01
N GLN C 39 3.33 -26.32 28.13
CA GLN C 39 4.72 -26.03 28.52
C GLN C 39 4.85 -26.39 29.99
N ALA C 40 5.63 -27.41 30.29
CA ALA C 40 5.89 -27.79 31.67
C ALA C 40 6.85 -26.78 32.31
N PRO C 41 6.80 -26.62 33.64
CA PRO C 41 7.67 -25.63 34.28
C PRO C 41 9.12 -25.78 33.87
N GLY C 42 9.69 -24.72 33.30
CA GLY C 42 11.08 -24.71 32.94
C GLY C 42 11.48 -25.67 31.85
N LYS C 43 10.57 -26.02 30.94
CA LYS C 43 10.89 -26.91 29.83
C LYS C 43 10.36 -26.31 28.53
N GLY C 44 10.68 -26.99 27.43
CA GLY C 44 10.28 -26.55 26.12
C GLY C 44 8.78 -26.59 25.93
N LEU C 45 8.37 -26.26 24.72
CA LEU C 45 6.96 -26.34 24.33
C LEU C 45 6.68 -27.69 23.71
N GLU C 46 5.52 -28.26 24.05
CA GLU C 46 5.10 -29.56 23.55
C GLU C 46 3.69 -29.44 22.99
N TRP C 47 3.52 -29.84 21.74
CA TRP C 47 2.19 -29.86 21.14
C TRP C 47 1.37 -31.00 21.73
N VAL C 48 0.08 -30.74 21.91
CA VAL C 48 -0.80 -31.70 22.57
C VAL C 48 -1.87 -32.14 21.58
N ALA C 49 -2.65 -31.18 21.06
CA ALA C 49 -3.75 -31.59 20.19
C ALA C 49 -4.12 -30.48 19.23
N GLY C 50 -4.89 -30.85 18.21
CA GLY C 50 -5.34 -29.90 17.21
C GLY C 50 -6.58 -30.37 16.50
N ILE C 51 -7.36 -29.41 16.01
CA ILE C 51 -8.65 -29.69 15.37
C ILE C 51 -8.89 -28.68 14.26
N TYR C 52 -9.39 -29.16 13.12
CA TYR C 52 -9.87 -28.30 12.04
C TYR C 52 -11.32 -27.95 12.35
N ALA C 53 -11.57 -26.68 12.66
CA ALA C 53 -12.89 -26.27 13.14
C ALA C 53 -13.99 -26.67 12.17
N SER C 54 -13.83 -26.33 10.89
CA SER C 54 -14.90 -26.55 9.92
C SER C 54 -15.25 -28.03 9.82
N GLY C 55 -14.28 -28.85 9.37
CA GLY C 55 -14.58 -30.25 9.13
C GLY C 55 -14.72 -31.07 10.41
N GLY C 56 -14.05 -30.65 11.47
CA GLY C 56 -14.09 -31.37 12.73
C GLY C 56 -13.02 -32.43 12.92
N ALA C 57 -12.16 -32.65 11.93
CA ALA C 57 -11.10 -33.64 12.06
C ALA C 57 -10.14 -33.27 13.17
N THR C 58 -9.57 -34.28 13.83
CA THR C 58 -8.73 -34.08 14.99
C THR C 58 -7.40 -34.79 14.83
N ALA C 59 -6.42 -34.34 15.62
CA ALA C 59 -5.09 -34.95 15.66
C ALA C 59 -4.53 -34.74 17.05
N TYR C 60 -3.89 -35.79 17.59
CA TYR C 60 -3.35 -35.76 18.94
C TYR C 60 -1.89 -36.20 18.93
N ALA C 61 -1.19 -35.82 19.98
CA ALA C 61 0.18 -36.28 20.18
C ALA C 61 0.15 -37.65 20.85
N ASP C 62 1.18 -38.45 20.58
CA ASP C 62 1.21 -39.82 21.09
C ASP C 62 1.17 -39.85 22.62
N SER C 63 1.76 -38.85 23.28
CA SER C 63 1.91 -38.91 24.72
C SER C 63 0.56 -38.85 25.44
N VAL C 64 -0.42 -38.15 24.88
CA VAL C 64 -1.72 -38.00 25.50
C VAL C 64 -2.83 -38.65 24.67
N LYS C 65 -2.49 -39.47 23.70
CA LYS C 65 -3.49 -40.10 22.85
C LYS C 65 -4.42 -40.95 23.71
N GLY C 66 -5.71 -40.86 23.42
CA GLY C 66 -6.73 -41.60 24.15
C GLY C 66 -7.28 -40.89 25.39
N ARG C 67 -6.40 -40.28 26.18
CA ARG C 67 -6.85 -39.60 27.39
C ARG C 67 -7.52 -38.28 27.08
N PHE C 68 -6.91 -37.45 26.23
CA PHE C 68 -7.45 -36.13 25.92
C PHE C 68 -8.36 -36.19 24.70
N THR C 69 -9.28 -35.22 24.64
CA THR C 69 -10.22 -35.09 23.54
C THR C 69 -10.40 -33.61 23.22
N ILE C 70 -10.32 -33.25 21.94
CA ILE C 70 -10.40 -31.86 21.51
C ILE C 70 -11.68 -31.67 20.71
N SER C 71 -12.34 -30.53 20.92
CA SER C 71 -13.61 -30.25 20.27
C SER C 71 -13.69 -28.75 19.99
N ALA C 72 -14.72 -28.36 19.23
CA ALA C 72 -14.92 -26.96 18.91
C ALA C 72 -16.40 -26.69 18.66
N ASP C 73 -16.79 -25.43 18.82
CA ASP C 73 -18.14 -24.97 18.54
C ASP C 73 -18.05 -23.69 17.72
N THR C 74 -18.73 -23.70 16.57
CA THR C 74 -18.61 -22.64 15.57
C THR C 74 -19.45 -21.42 15.90
N SER C 75 -20.67 -21.64 16.40
CA SER C 75 -21.52 -20.50 16.80
C SER C 75 -20.93 -19.80 18.02
N LYS C 76 -20.52 -20.57 19.03
CA LYS C 76 -19.83 -20.00 20.17
C LYS C 76 -18.42 -19.53 19.82
N ASN C 77 -17.86 -20.01 18.71
CA ASN C 77 -16.50 -19.66 18.31
C ASN C 77 -15.52 -19.95 19.44
N THR C 78 -15.57 -21.17 19.96
CA THR C 78 -14.65 -21.55 21.02
C THR C 78 -14.15 -22.97 20.80
N ALA C 79 -13.04 -23.29 21.47
CA ALA C 79 -12.40 -24.59 21.38
C ALA C 79 -12.25 -25.17 22.78
N TYR C 80 -12.41 -26.49 22.88
CA TYR C 80 -12.36 -27.17 24.18
C TYR C 80 -11.35 -28.31 24.14
N LEU C 81 -10.74 -28.56 25.29
CA LEU C 81 -9.86 -29.72 25.48
C LEU C 81 -10.30 -30.40 26.78
N GLN C 82 -10.98 -31.53 26.65
CA GLN C 82 -11.31 -32.38 27.78
C GLN C 82 -10.10 -33.25 28.09
N MET C 83 -9.71 -33.28 29.37
CA MET C 83 -8.53 -34.01 29.82
C MET C 83 -8.98 -34.99 30.89
N ASN C 84 -8.89 -36.29 30.59
CA ASN C 84 -9.28 -37.34 31.52
C ASN C 84 -8.07 -38.19 31.86
N SER C 85 -8.15 -38.88 33.00
CA SER C 85 -7.06 -39.74 33.48
C SER C 85 -5.76 -38.95 33.56
N LEU C 86 -5.82 -37.79 34.21
CA LEU C 86 -4.67 -36.92 34.30
C LEU C 86 -3.58 -37.52 35.17
N ARG C 87 -2.34 -37.10 34.91
CA ARG C 87 -1.17 -37.55 35.65
C ARG C 87 -0.33 -36.33 36.00
N ALA C 88 0.57 -36.51 36.97
CA ALA C 88 1.45 -35.41 37.35
C ALA C 88 2.29 -34.92 36.18
N GLU C 89 2.65 -35.82 35.26
CA GLU C 89 3.44 -35.43 34.11
C GLU C 89 2.72 -34.38 33.25
N ASP C 90 1.41 -34.27 33.40
CA ASP C 90 0.63 -33.33 32.61
C ASP C 90 0.60 -31.93 33.21
N THR C 91 1.13 -31.75 34.42
CA THR C 91 1.14 -30.43 35.06
C THR C 91 1.92 -29.45 34.21
N ALA C 92 1.27 -28.35 33.81
CA ALA C 92 1.91 -27.39 32.94
C ALA C 92 1.05 -26.16 32.64
N VAL C 93 1.62 -25.21 31.92
CA VAL C 93 0.87 -24.06 31.41
C VAL C 93 0.34 -24.45 30.04
N TYR C 94 -0.99 -24.43 29.88
CA TYR C 94 -1.64 -24.80 28.65
C TYR C 94 -2.03 -23.55 27.88
N TYR C 95 -1.59 -23.48 26.61
CA TYR C 95 -1.90 -22.39 25.71
C TYR C 95 -2.81 -22.89 24.60
N CYS C 96 -3.62 -21.95 24.10
CA CYS C 96 -4.48 -22.15 22.94
C CYS C 96 -3.95 -21.28 21.81
N ALA C 97 -3.91 -21.84 20.60
CA ALA C 97 -3.41 -21.09 19.45
C ALA C 97 -4.17 -21.51 18.20
N ARG C 98 -3.98 -20.76 17.13
CA ARG C 98 -4.62 -21.05 15.85
C ARG C 98 -3.59 -21.05 14.73
N SER C 99 -3.91 -21.79 13.68
CA SER C 99 -3.12 -21.81 12.46
C SER C 99 -4.06 -21.89 11.27
N TYR C 100 -3.62 -21.37 10.13
CA TYR C 100 -4.42 -21.45 8.91
C TYR C 100 -4.20 -22.80 8.25
N TYR C 101 -5.30 -23.41 7.78
CA TYR C 101 -5.25 -24.71 7.13
C TYR C 101 -4.86 -25.82 8.11
N TYR C 102 -4.82 -27.07 7.61
CA TYR C 102 -4.42 -28.20 8.44
C TYR C 102 -2.95 -28.13 8.82
N GLY C 103 -2.12 -27.54 7.98
CA GLY C 103 -0.71 -27.43 8.30
C GLY C 103 -0.01 -26.54 7.29
N GLY C 104 1.28 -26.32 7.55
CA GLY C 104 2.12 -25.50 6.71
C GLY C 104 2.30 -24.08 7.19
N PHE C 105 1.45 -23.62 8.11
CA PHE C 105 1.47 -22.25 8.60
C PHE C 105 1.81 -22.24 10.08
N GLY C 106 2.29 -21.10 10.55
CA GLY C 106 2.62 -20.94 11.95
C GLY C 106 1.42 -20.56 12.80
N MET C 107 1.66 -20.44 14.10
CA MET C 107 0.63 -20.10 15.06
C MET C 107 0.69 -18.60 15.32
N ASP C 108 -0.22 -17.84 14.71
CA ASP C 108 -0.15 -16.39 14.78
C ASP C 108 -0.53 -15.89 16.17
N TYR C 109 -1.65 -16.35 16.72
CA TYR C 109 -2.20 -15.79 17.95
C TYR C 109 -2.31 -16.88 19.02
N TRP C 110 -1.79 -16.58 20.20
CA TRP C 110 -1.85 -17.45 21.36
C TRP C 110 -2.65 -16.79 22.48
N GLY C 111 -3.32 -17.60 23.28
CA GLY C 111 -3.91 -17.11 24.51
C GLY C 111 -2.85 -16.86 25.56
N GLN C 112 -3.27 -16.22 26.65
CA GLN C 112 -2.33 -15.93 27.72
C GLN C 112 -1.92 -17.19 28.47
N GLY C 113 -2.75 -18.21 28.46
CA GLY C 113 -2.39 -19.49 29.04
C GLY C 113 -3.01 -19.70 30.40
N THR C 114 -3.22 -20.97 30.75
CA THR C 114 -3.80 -21.33 32.03
C THR C 114 -2.99 -22.45 32.67
N LEU C 115 -2.73 -22.34 33.97
CA LEU C 115 -1.92 -23.31 34.68
C LEU C 115 -2.79 -24.45 35.17
N VAL C 116 -2.32 -25.69 34.95
CA VAL C 116 -3.00 -26.88 35.44
C VAL C 116 -2.01 -27.69 36.26
N THR C 117 -2.36 -27.94 37.52
CA THR C 117 -1.52 -28.67 38.46
C THR C 117 -2.21 -29.97 38.84
N VAL C 118 -1.48 -31.08 38.73
CA VAL C 118 -1.99 -32.40 39.05
C VAL C 118 -1.19 -32.97 40.20
N SER C 119 -1.79 -32.99 41.39
CA SER C 119 -1.09 -33.45 42.57
C SER C 119 -2.11 -33.91 43.60
N SER C 120 -1.73 -34.96 44.35
CA SER C 120 -2.56 -35.43 45.45
C SER C 120 -2.60 -34.46 46.61
N ALA C 121 -1.59 -33.61 46.74
CA ALA C 121 -1.53 -32.67 47.87
C ALA C 121 -2.73 -31.73 47.84
N SER C 122 -3.12 -31.27 49.02
CA SER C 122 -4.25 -30.37 49.18
C SER C 122 -3.78 -28.93 49.29
N THR C 123 -4.69 -28.01 48.98
CA THR C 123 -4.35 -26.59 48.97
C THR C 123 -4.17 -26.07 50.40
N LYS C 124 -2.99 -25.52 50.68
CA LYS C 124 -2.66 -25.04 52.02
C LYS C 124 -2.16 -23.60 51.93
N GLY C 125 -2.37 -22.87 53.01
CA GLY C 125 -1.90 -21.51 53.11
C GLY C 125 -0.41 -21.47 53.38
N PRO C 126 0.27 -20.43 52.90
CA PRO C 126 1.72 -20.35 53.07
C PRO C 126 2.11 -19.93 54.48
N SER C 127 3.22 -20.51 54.96
CA SER C 127 3.82 -20.11 56.22
C SER C 127 4.97 -19.16 55.93
N VAL C 128 4.93 -17.97 56.51
CA VAL C 128 5.91 -16.92 56.26
C VAL C 128 6.82 -16.82 57.47
N PHE C 129 8.13 -16.92 57.22
CA PHE C 129 9.13 -16.81 58.26
C PHE C 129 10.15 -15.76 57.87
N PRO C 130 10.59 -14.94 58.82
CA PRO C 130 11.51 -13.84 58.47
C PRO C 130 12.93 -14.33 58.29
N LEU C 131 13.71 -13.50 57.60
CA LEU C 131 15.13 -13.72 57.34
C LEU C 131 15.82 -12.42 57.75
N ALA C 132 16.21 -12.35 59.02
CA ALA C 132 16.74 -11.13 59.59
C ALA C 132 18.15 -10.84 59.05
N PRO C 133 18.54 -9.57 59.00
CA PRO C 133 19.89 -9.25 58.51
C PRO C 133 20.96 -9.71 59.48
N SER C 134 22.04 -10.26 58.92
CA SER C 134 23.12 -10.80 59.74
C SER C 134 23.62 -9.78 60.74
N SER C 135 23.88 -10.24 61.96
CA SER C 135 24.39 -9.34 62.99
C SER C 135 25.79 -8.84 62.65
N LYS C 136 26.65 -9.73 62.15
CA LYS C 136 28.02 -9.38 61.78
C LYS C 136 28.05 -9.06 60.29
N SER C 137 27.59 -7.85 59.95
CA SER C 137 27.55 -7.37 58.58
C SER C 137 28.40 -6.12 58.47
N THR C 138 29.26 -6.06 57.45
CA THR C 138 30.16 -4.94 57.28
C THR C 138 29.38 -3.63 57.17
N SER C 139 29.94 -2.57 57.75
CA SER C 139 29.29 -1.26 57.70
C SER C 139 29.34 -0.67 56.29
N GLY C 140 30.50 -0.73 55.65
CA GLY C 140 30.60 -0.25 54.28
C GLY C 140 29.68 -1.00 53.34
N GLY C 141 29.57 -2.31 53.53
CA GLY C 141 28.65 -3.11 52.75
C GLY C 141 27.21 -2.78 53.07
N THR C 142 26.31 -3.48 52.38
CA THR C 142 24.87 -3.30 52.54
C THR C 142 24.27 -4.59 53.07
N ALA C 143 23.62 -4.51 54.23
CA ALA C 143 23.01 -5.69 54.82
C ALA C 143 21.80 -6.15 54.01
N ALA C 144 21.59 -7.46 54.00
CA ALA C 144 20.51 -8.09 53.24
C ALA C 144 19.46 -8.66 54.19
N LEU C 145 18.21 -8.68 53.74
CA LEU C 145 17.13 -9.20 54.56
C LEU C 145 16.08 -9.82 53.64
N GLY C 146 15.16 -10.58 54.22
CA GLY C 146 14.18 -11.22 53.35
C GLY C 146 13.07 -11.94 54.07
N CYS C 147 12.21 -12.57 53.26
CA CYS C 147 11.10 -13.38 53.73
C CYS C 147 11.15 -14.75 53.06
N LEU C 148 10.68 -15.76 53.79
CA LEU C 148 10.69 -17.14 53.31
C LEU C 148 9.27 -17.68 53.40
N VAL C 149 8.73 -18.10 52.26
CA VAL C 149 7.40 -18.68 52.16
C VAL C 149 7.56 -20.18 52.00
N LYS C 150 6.95 -20.96 52.89
CA LYS C 150 7.11 -22.40 52.90
C LYS C 150 5.76 -23.09 53.02
N ASP C 151 5.65 -24.25 52.37
CA ASP C 151 4.50 -25.13 52.57
C ASP C 151 3.21 -24.50 52.07
N TYR C 152 3.18 -24.20 50.77
CA TYR C 152 1.97 -23.78 50.07
C TYR C 152 1.92 -24.56 48.77
N PHE C 153 0.82 -25.25 48.51
CA PHE C 153 0.83 -26.16 47.38
C PHE C 153 0.38 -25.51 46.08
N PRO C 154 -0.77 -24.84 46.04
CA PRO C 154 -1.20 -24.17 44.79
C PRO C 154 -0.14 -23.18 44.34
N GLU C 155 0.40 -23.40 43.15
CA GLU C 155 1.61 -22.70 42.74
C GLU C 155 1.48 -21.18 42.74
N PRO C 156 0.41 -20.57 42.23
CA PRO C 156 0.36 -19.11 42.12
C PRO C 156 0.57 -18.41 43.47
N VAL C 157 1.56 -17.52 43.52
CA VAL C 157 1.83 -16.71 44.70
C VAL C 157 2.35 -15.35 44.27
N THR C 158 1.98 -14.32 45.03
CA THR C 158 2.51 -12.99 44.79
C THR C 158 3.12 -12.43 46.08
N VAL C 159 4.18 -11.65 45.91
CA VAL C 159 4.91 -11.07 47.02
C VAL C 159 5.19 -9.61 46.69
N SER C 160 5.17 -8.77 47.73
CA SER C 160 5.46 -7.35 47.58
C SER C 160 6.24 -6.87 48.80
N TRP C 161 6.94 -5.75 48.61
CA TRP C 161 7.76 -5.15 49.65
C TRP C 161 7.21 -3.76 49.99
N ASN C 162 6.73 -3.62 51.23
CA ASN C 162 6.17 -2.35 51.70
C ASN C 162 5.03 -1.90 50.80
N SER C 163 4.09 -2.82 50.56
CA SER C 163 2.90 -2.54 49.75
C SER C 163 3.26 -1.95 48.39
N GLY C 164 4.41 -2.36 47.85
CA GLY C 164 4.86 -1.89 46.56
C GLY C 164 5.78 -0.70 46.60
N ALA C 165 6.25 -0.29 47.78
CA ALA C 165 7.11 0.87 47.87
C ALA C 165 8.56 0.56 47.50
N LEU C 166 9.03 -0.65 47.80
CA LEU C 166 10.42 -1.03 47.57
C LEU C 166 10.47 -1.95 46.35
N THR C 167 10.78 -1.38 45.18
CA THR C 167 10.85 -2.11 43.92
C THR C 167 12.26 -2.11 43.35
N SER C 168 13.28 -1.79 44.17
CA SER C 168 14.65 -1.67 43.71
C SER C 168 15.54 -2.56 44.57
N GLY C 169 16.54 -3.18 43.94
CA GLY C 169 17.42 -4.09 44.65
C GLY C 169 16.71 -5.28 45.23
N VAL C 170 15.60 -5.70 44.62
CA VAL C 170 14.78 -6.81 45.10
C VAL C 170 15.00 -8.01 44.19
N HIS C 171 15.08 -9.20 44.80
CA HIS C 171 15.22 -10.45 44.05
C HIS C 171 14.25 -11.47 44.63
N THR C 172 13.30 -11.91 43.80
CA THR C 172 12.33 -12.94 44.16
C THR C 172 12.65 -14.21 43.37
N PHE C 173 13.20 -15.20 44.07
CA PHE C 173 13.59 -16.44 43.43
C PHE C 173 12.37 -17.27 43.09
N PRO C 174 12.47 -18.15 42.09
CA PRO C 174 11.32 -19.01 41.76
C PRO C 174 11.13 -20.10 42.80
N ALA C 175 9.88 -20.55 42.92
CA ALA C 175 9.56 -21.58 43.89
C ALA C 175 10.19 -22.92 43.48
N VAL C 176 10.30 -23.81 44.45
CA VAL C 176 10.80 -25.16 44.22
C VAL C 176 9.84 -26.14 44.88
N LEU C 177 9.60 -27.26 44.22
CA LEU C 177 8.68 -28.28 44.73
C LEU C 177 9.43 -29.19 45.69
N GLN C 178 8.97 -29.23 46.93
CA GLN C 178 9.63 -30.01 47.97
C GLN C 178 9.29 -31.49 47.84
N SER C 179 10.07 -32.32 48.55
CA SER C 179 9.77 -33.75 48.59
C SER C 179 8.37 -34.00 49.14
N SER C 180 7.91 -33.14 50.04
CA SER C 180 6.56 -33.28 50.59
C SER C 180 5.48 -33.05 49.54
N GLY C 181 5.79 -32.28 48.50
CA GLY C 181 4.81 -31.90 47.51
C GLY C 181 4.28 -30.49 47.65
N LEU C 182 4.76 -29.73 48.63
CA LEU C 182 4.38 -28.33 48.78
C LEU C 182 5.51 -27.45 48.28
N TYR C 183 5.14 -26.27 47.79
CA TYR C 183 6.11 -25.35 47.25
C TYR C 183 6.71 -24.47 48.36
N SER C 184 7.87 -23.88 48.03
CA SER C 184 8.60 -23.02 48.95
C SER C 184 9.45 -22.06 48.13
N LEU C 185 9.33 -20.78 48.44
CA LEU C 185 10.02 -19.72 47.71
C LEU C 185 10.59 -18.73 48.72
N SER C 186 11.49 -17.87 48.25
CA SER C 186 12.09 -16.86 49.11
C SER C 186 12.27 -15.57 48.33
N SER C 187 12.15 -14.44 49.03
CA SER C 187 12.41 -13.14 48.44
C SER C 187 13.37 -12.38 49.34
N VAL C 188 14.28 -11.62 48.72
CA VAL C 188 15.30 -10.90 49.48
C VAL C 188 15.50 -9.52 48.88
N VAL C 189 16.10 -8.64 49.69
CA VAL C 189 16.38 -7.27 49.31
C VAL C 189 17.63 -6.79 50.03
N THR C 190 18.39 -5.95 49.35
CA THR C 190 19.60 -5.33 49.88
C THR C 190 19.31 -3.86 50.16
N VAL C 191 19.48 -3.44 51.40
CA VAL C 191 19.25 -2.06 51.82
C VAL C 191 20.47 -1.58 52.59
N PRO C 192 20.65 -0.27 52.72
CA PRO C 192 21.87 0.24 53.35
C PRO C 192 21.97 -0.19 54.81
N SER C 193 23.18 -0.61 55.21
CA SER C 193 23.36 -1.08 56.58
C SER C 193 23.19 0.04 57.59
N SER C 194 23.65 1.26 57.24
CA SER C 194 23.56 2.37 58.17
C SER C 194 22.10 2.69 58.48
N SER C 195 21.27 2.79 57.44
CA SER C 195 19.86 3.09 57.58
C SER C 195 19.01 1.85 57.89
N LEU C 196 19.65 0.73 58.22
CA LEU C 196 18.92 -0.50 58.47
C LEU C 196 18.05 -0.40 59.72
N GLY C 197 18.62 0.05 60.83
CA GLY C 197 17.85 0.12 62.07
C GLY C 197 16.76 1.16 62.06
N THR C 198 16.98 2.27 61.34
CA THR C 198 16.01 3.37 61.35
C THR C 198 14.75 3.00 60.57
N GLN C 199 14.92 2.45 59.38
CA GLN C 199 13.78 2.18 58.51
C GLN C 199 13.10 0.87 58.90
N THR C 200 11.85 0.71 58.45
CA THR C 200 11.04 -0.46 58.74
C THR C 200 10.69 -1.16 57.44
N TYR C 201 10.96 -2.46 57.38
CA TYR C 201 10.77 -3.26 56.17
C TYR C 201 9.76 -4.36 56.46
N ILE C 202 8.74 -4.46 55.61
CA ILE C 202 7.66 -5.43 55.77
C ILE C 202 7.45 -6.13 54.44
N CYS C 203 7.32 -7.46 54.48
CA CYS C 203 6.99 -8.25 53.30
C CYS C 203 5.52 -8.65 53.35
N ASN C 204 4.82 -8.45 52.23
CA ASN C 204 3.42 -8.80 52.09
C ASN C 204 3.30 -9.98 51.12
N VAL C 205 2.68 -11.06 51.57
CA VAL C 205 2.54 -12.28 50.80
C VAL C 205 1.05 -12.55 50.57
N ASN C 206 0.69 -12.86 49.32
CA ASN C 206 -0.68 -13.12 48.92
C ASN C 206 -0.74 -14.45 48.18
N HIS C 207 -1.64 -15.32 48.64
CA HIS C 207 -1.92 -16.64 48.07
C HIS C 207 -3.38 -16.64 47.64
N LYS C 208 -3.61 -16.32 46.36
CA LYS C 208 -4.98 -16.23 45.86
C LYS C 208 -5.72 -17.57 45.92
N PRO C 209 -5.11 -18.71 45.59
CA PRO C 209 -5.88 -19.97 45.59
C PRO C 209 -6.49 -20.32 46.94
N SER C 210 -5.72 -20.20 48.01
CA SER C 210 -6.23 -20.46 49.35
C SER C 210 -6.80 -19.23 50.02
N ASN C 211 -6.71 -18.05 49.40
CA ASN C 211 -7.23 -16.82 49.96
C ASN C 211 -6.53 -16.49 51.28
N THR C 212 -5.20 -16.50 51.25
CA THR C 212 -4.39 -16.25 52.45
C THR C 212 -3.48 -15.05 52.19
N LYS C 213 -3.71 -13.97 52.92
CA LYS C 213 -2.90 -12.76 52.82
C LYS C 213 -2.28 -12.48 54.17
N VAL C 214 -0.97 -12.18 54.19
CA VAL C 214 -0.25 -11.95 55.43
C VAL C 214 0.85 -10.93 55.20
N ASP C 215 1.30 -10.30 56.27
CA ASP C 215 2.40 -9.35 56.26
C ASP C 215 3.29 -9.60 57.47
N LYS C 216 4.60 -9.46 57.29
CA LYS C 216 5.53 -9.68 58.39
C LYS C 216 6.72 -8.72 58.29
N LYS C 217 7.17 -8.24 59.45
CA LYS C 217 8.29 -7.31 59.54
C LYS C 217 9.56 -8.07 59.87
N VAL C 218 10.69 -7.59 59.35
CA VAL C 218 11.99 -8.20 59.53
C VAL C 218 12.86 -7.28 60.36
N GLU C 219 13.56 -7.82 61.34
CA GLU C 219 14.37 -7.04 62.26
C GLU C 219 15.55 -7.88 62.73
N PRO C 220 16.63 -7.26 63.19
CA PRO C 220 17.74 -8.03 63.77
C PRO C 220 17.28 -8.82 64.99
N LYS C 221 18.13 -9.76 65.39
CA LYS C 221 17.82 -10.59 66.55
C LYS C 221 17.97 -9.76 67.83
N SER C 222 16.98 -9.86 68.72
CA SER C 222 17.02 -9.09 69.95
C SER C 222 18.15 -9.56 70.84
N CYS C 223 18.11 -10.83 71.26
CA CYS C 223 19.16 -11.42 72.10
C CYS C 223 19.66 -10.47 73.19
N ASP D 1 6.10 -37.68 12.48
CA ASP D 1 6.76 -37.73 13.82
C ASP D 1 8.23 -37.33 13.68
N ILE D 2 8.45 -36.06 13.31
CA ILE D 2 9.77 -35.54 12.96
C ILE D 2 10.34 -34.80 14.15
N GLN D 3 11.67 -34.88 14.30
CA GLN D 3 12.38 -34.27 15.41
C GLN D 3 13.23 -33.12 14.90
N MET D 4 13.11 -31.97 15.55
CA MET D 4 13.81 -30.75 15.16
C MET D 4 14.94 -30.50 16.17
N THR D 5 16.18 -30.61 15.70
CA THR D 5 17.35 -30.41 16.55
C THR D 5 17.78 -28.95 16.44
N GLN D 6 17.77 -28.26 17.58
CA GLN D 6 18.01 -26.83 17.64
C GLN D 6 19.36 -26.55 18.30
N SER D 7 20.11 -25.62 17.72
CA SER D 7 21.41 -25.22 18.26
C SER D 7 21.59 -23.72 18.08
N PRO D 8 22.34 -23.06 18.98
CA PRO D 8 22.92 -23.60 20.22
C PRO D 8 21.91 -23.68 21.36
N SER D 9 22.18 -24.53 22.35
CA SER D 9 21.28 -24.63 23.49
C SER D 9 21.23 -23.31 24.25
N SER D 10 22.38 -22.67 24.46
CA SER D 10 22.44 -21.38 25.12
C SER D 10 23.43 -20.50 24.37
N LEU D 11 23.17 -19.20 24.37
CA LEU D 11 24.03 -18.25 23.67
C LEU D 11 24.07 -16.94 24.44
N SER D 12 25.27 -16.39 24.58
CA SER D 12 25.48 -15.12 25.25
C SER D 12 26.14 -14.15 24.28
N ALA D 13 25.53 -12.98 24.11
CA ALA D 13 26.03 -11.99 23.16
C ALA D 13 25.67 -10.60 23.66
N SER D 14 26.40 -9.61 23.17
CA SER D 14 26.21 -8.22 23.57
C SER D 14 25.24 -7.53 22.62
N VAL D 15 24.68 -6.41 23.09
CA VAL D 15 23.72 -5.66 22.30
C VAL D 15 24.38 -5.17 21.02
N GLY D 16 23.62 -5.21 19.93
CA GLY D 16 24.13 -4.82 18.62
C GLY D 16 24.83 -5.92 17.86
N ASP D 17 24.93 -7.11 18.43
CA ASP D 17 25.57 -8.23 17.75
C ASP D 17 24.62 -8.84 16.73
N ARG D 18 25.19 -9.65 15.84
CA ARG D 18 24.43 -10.41 14.84
C ARG D 18 24.42 -11.87 15.26
N VAL D 19 23.22 -12.43 15.45
CA VAL D 19 23.11 -13.77 16.00
C VAL D 19 22.41 -14.68 15.00
N THR D 20 22.79 -15.96 15.03
CA THR D 20 22.25 -16.98 14.15
C THR D 20 21.89 -18.22 14.96
N ILE D 21 20.74 -18.80 14.66
CA ILE D 21 20.24 -19.99 15.34
C ILE D 21 19.83 -20.99 14.27
N THR D 22 20.16 -22.26 14.48
CA THR D 22 19.98 -23.29 13.47
C THR D 22 19.04 -24.36 14.00
N CYS D 23 18.17 -24.86 13.12
CA CYS D 23 17.21 -25.90 13.44
C CYS D 23 17.21 -26.88 12.28
N ARG D 24 17.59 -28.13 12.54
CA ARG D 24 17.66 -29.16 11.50
C ARG D 24 16.59 -30.21 11.72
N ALA D 25 15.88 -30.56 10.66
CA ALA D 25 14.81 -31.55 10.74
C ALA D 25 15.35 -32.95 10.44
N SER D 26 14.72 -33.95 11.06
CA SER D 26 15.15 -35.32 10.83
C SER D 26 14.93 -35.73 9.37
N GLN D 27 13.77 -35.39 8.82
CA GLN D 27 13.46 -35.65 7.42
C GLN D 27 12.98 -34.35 6.77
N SER D 28 12.76 -34.41 5.46
CA SER D 28 12.35 -33.23 4.71
C SER D 28 10.95 -32.79 5.13
N VAL D 29 10.80 -31.48 5.37
CA VAL D 29 9.55 -30.88 5.80
C VAL D 29 9.11 -29.76 4.85
N SER D 30 9.67 -29.73 3.64
CA SER D 30 9.46 -28.63 2.67
C SER D 30 9.77 -27.33 3.39
N SER D 31 8.88 -26.34 3.39
CA SER D 31 9.12 -25.08 4.07
C SER D 31 7.96 -24.79 5.03
N ALA D 32 7.80 -25.68 6.02
CA ALA D 32 6.76 -25.56 7.03
C ALA D 32 7.34 -25.25 8.40
N VAL D 33 8.49 -24.58 8.45
CA VAL D 33 9.13 -24.22 9.70
C VAL D 33 8.69 -22.83 10.12
N ALA D 34 8.61 -22.61 11.43
CA ALA D 34 8.24 -21.35 12.03
C ALA D 34 9.14 -21.10 13.22
N TRP D 35 9.34 -19.82 13.53
CA TRP D 35 10.20 -19.38 14.62
C TRP D 35 9.40 -18.49 15.55
N TYR D 36 9.47 -18.80 16.85
CA TYR D 36 8.74 -18.11 17.90
C TYR D 36 9.72 -17.58 18.94
N GLN D 37 9.31 -16.50 19.62
CA GLN D 37 10.06 -15.89 20.71
C GLN D 37 9.19 -15.93 21.96
N GLN D 38 9.80 -16.27 23.09
CA GLN D 38 9.10 -16.32 24.36
C GLN D 38 9.95 -15.64 25.43
N LYS D 39 9.33 -14.71 26.15
CA LYS D 39 9.89 -14.06 27.32
C LYS D 39 9.31 -14.70 28.58
N PRO D 40 9.99 -14.54 29.73
CA PRO D 40 9.54 -15.25 30.93
C PRO D 40 8.10 -14.93 31.28
N GLY D 41 7.33 -15.99 31.54
CA GLY D 41 5.95 -15.83 31.97
C GLY D 41 5.01 -15.28 30.92
N LYS D 42 5.34 -15.41 29.65
CA LYS D 42 4.53 -14.87 28.57
C LYS D 42 4.35 -15.93 27.50
N ALA D 43 3.21 -15.86 26.81
CA ALA D 43 2.96 -16.80 25.73
C ALA D 43 4.00 -16.59 24.63
N PRO D 44 4.25 -17.62 23.82
CA PRO D 44 5.12 -17.43 22.65
C PRO D 44 4.52 -16.44 21.67
N LYS D 45 5.39 -15.62 21.07
CA LYS D 45 5.02 -14.65 20.05
C LYS D 45 5.61 -15.10 18.72
N LEU D 46 4.77 -15.22 17.69
CA LEU D 46 5.23 -15.68 16.40
C LEU D 46 6.12 -14.62 15.74
N LEU D 47 7.30 -15.06 15.27
CA LEU D 47 8.25 -14.19 14.60
C LEU D 47 8.30 -14.45 13.11
N ILE D 48 8.55 -15.70 12.71
CA ILE D 48 8.63 -16.04 11.29
C ILE D 48 7.80 -17.30 11.06
N TYR D 49 7.26 -17.42 9.85
CA TYR D 49 6.47 -18.58 9.48
C TYR D 49 6.81 -19.00 8.06
N SER D 50 6.46 -20.24 7.75
CA SER D 50 6.75 -20.83 6.45
C SER D 50 8.19 -20.56 6.01
N ALA D 51 9.11 -20.64 6.97
CA ALA D 51 10.55 -20.62 6.73
C ALA D 51 11.11 -19.21 6.59
N SER D 52 10.64 -18.45 5.60
CA SER D 52 11.29 -17.19 5.23
C SER D 52 10.25 -16.12 4.94
N ASP D 53 9.17 -16.08 5.72
CA ASP D 53 8.12 -15.08 5.57
C ASP D 53 7.96 -14.32 6.88
N LEU D 54 8.22 -13.02 6.85
CA LEU D 54 8.08 -12.19 8.03
C LEU D 54 6.61 -12.04 8.42
N TYR D 55 6.37 -11.94 9.71
CA TYR D 55 5.03 -11.78 10.26
C TYR D 55 4.76 -10.30 10.50
N SER D 56 3.51 -9.89 10.27
CA SER D 56 3.14 -8.50 10.44
C SER D 56 3.48 -8.01 11.85
N GLY D 57 3.98 -6.79 11.94
CA GLY D 57 4.30 -6.21 13.23
C GLY D 57 5.54 -6.77 13.88
N VAL D 58 6.50 -7.24 13.08
CA VAL D 58 7.71 -7.89 13.59
C VAL D 58 8.91 -7.15 13.00
N PRO D 59 9.88 -6.72 13.81
CA PRO D 59 11.03 -6.01 13.27
C PRO D 59 11.65 -6.68 12.05
N SER D 60 12.09 -5.85 11.10
CA SER D 60 12.70 -6.32 9.87
C SER D 60 14.08 -6.94 10.11
N ARG D 61 14.63 -6.82 11.32
CA ARG D 61 15.94 -7.40 11.59
C ARG D 61 15.90 -8.92 11.59
N PHE D 62 14.74 -9.49 11.92
CA PHE D 62 14.58 -10.95 11.92
C PHE D 62 14.44 -11.46 10.49
N SER D 63 15.23 -12.47 10.14
CA SER D 63 15.15 -13.09 8.83
C SER D 63 15.26 -14.61 8.97
N GLY D 64 14.73 -15.31 7.98
CA GLY D 64 14.74 -16.77 7.99
C GLY D 64 15.13 -17.39 6.67
N SER D 65 15.87 -18.50 6.71
CA SER D 65 16.38 -19.12 5.50
C SER D 65 16.27 -20.64 5.61
N ARG D 66 16.23 -21.30 4.46
CA ARG D 66 16.16 -22.75 4.36
C ARG D 66 17.15 -23.25 3.31
N SER D 67 18.00 -24.18 3.71
CA SER D 67 18.89 -24.91 2.79
C SER D 67 18.62 -26.40 3.00
N GLY D 68 17.90 -27.00 2.06
CA GLY D 68 17.53 -28.40 2.20
C GLY D 68 16.64 -28.60 3.41
N THR D 69 17.10 -29.43 4.35
CA THR D 69 16.40 -29.68 5.60
C THR D 69 16.98 -28.91 6.76
N ASP D 70 17.87 -27.96 6.49
CA ASP D 70 18.45 -27.10 7.52
C ASP D 70 17.77 -25.74 7.46
N PHE D 71 17.39 -25.20 8.62
CA PHE D 71 16.70 -23.92 8.69
C PHE D 71 17.45 -22.99 9.64
N THR D 72 17.43 -21.71 9.31
CA THR D 72 18.23 -20.74 10.04
C THR D 72 17.41 -19.49 10.33
N LEU D 73 17.56 -18.96 11.55
CA LEU D 73 16.96 -17.70 11.95
C LEU D 73 18.08 -16.74 12.31
N THR D 74 18.06 -15.55 11.72
CA THR D 74 19.13 -14.58 11.87
C THR D 74 18.58 -13.25 12.37
N ILE D 75 19.33 -12.64 13.29
CA ILE D 75 19.08 -11.27 13.74
C ILE D 75 20.29 -10.43 13.36
N SER D 76 20.04 -9.39 12.55
CA SER D 76 21.10 -8.49 12.11
C SER D 76 21.76 -7.79 13.28
N SER D 77 20.99 -7.06 14.07
CA SER D 77 21.50 -6.35 15.24
C SER D 77 20.57 -6.56 16.41
N LEU D 78 21.16 -6.84 17.58
CA LEU D 78 20.38 -7.12 18.77
C LEU D 78 19.96 -5.83 19.46
N GLN D 79 18.76 -5.83 20.01
CA GLN D 79 18.22 -4.73 20.80
C GLN D 79 17.74 -5.30 22.12
N PRO D 80 17.84 -4.54 23.22
CA PRO D 80 17.59 -5.12 24.55
C PRO D 80 16.29 -5.91 24.68
N GLU D 81 15.31 -5.64 23.82
CA GLU D 81 14.05 -6.39 23.89
C GLU D 81 14.17 -7.77 23.26
N ASP D 82 15.23 -8.02 22.49
CA ASP D 82 15.41 -9.29 21.80
C ASP D 82 16.04 -10.37 22.68
N PHE D 83 16.31 -10.07 23.95
CA PHE D 83 16.92 -11.03 24.86
C PHE D 83 15.81 -11.87 25.50
N ALA D 84 15.69 -13.11 25.04
CA ALA D 84 14.63 -14.01 25.46
C ALA D 84 14.97 -15.39 24.92
N THR D 85 14.01 -16.32 24.99
CA THR D 85 14.19 -17.67 24.47
C THR D 85 13.53 -17.78 23.10
N TYR D 86 14.08 -18.64 22.25
CA TYR D 86 13.62 -18.78 20.87
C TYR D 86 13.42 -20.25 20.53
N TYR D 87 12.31 -20.56 19.85
CA TYR D 87 11.98 -21.92 19.46
C TYR D 87 11.71 -22.00 17.96
N CYS D 88 11.99 -23.19 17.40
CA CYS D 88 11.60 -23.53 16.04
C CYS D 88 10.53 -24.62 16.11
N GLN D 89 9.64 -24.63 15.10
CA GLN D 89 8.48 -25.50 15.11
C GLN D 89 8.18 -25.91 13.67
N GLN D 90 7.79 -27.17 13.47
CA GLN D 90 7.44 -27.67 12.16
C GLN D 90 5.97 -28.08 12.14
N SER D 91 5.28 -27.78 11.03
CA SER D 91 3.89 -28.13 10.84
C SER D 91 3.70 -28.93 9.56
N HIS D 92 4.70 -29.73 9.18
CA HIS D 92 4.65 -30.53 7.96
C HIS D 92 3.99 -31.88 8.22
N THR D 93 4.52 -32.64 9.17
CA THR D 93 4.02 -33.97 9.49
C THR D 93 3.62 -34.01 10.96
N TYR D 94 2.38 -34.39 11.22
CA TYR D 94 1.88 -34.47 12.58
C TYR D 94 2.37 -35.75 13.25
N PRO D 95 2.59 -35.72 14.58
CA PRO D 95 2.40 -34.59 15.49
C PRO D 95 3.46 -33.50 15.33
N ILE D 96 3.05 -32.24 15.40
CA ILE D 96 3.99 -31.15 15.21
C ILE D 96 4.92 -31.08 16.42
N THR D 97 6.19 -30.76 16.15
CA THR D 97 7.24 -30.84 17.16
C THR D 97 8.02 -29.54 17.20
N PHE D 98 8.27 -29.04 18.40
CA PHE D 98 9.08 -27.85 18.60
C PHE D 98 10.54 -28.22 18.83
N GLY D 99 11.41 -27.20 18.84
CA GLY D 99 12.81 -27.39 19.15
C GLY D 99 13.08 -27.36 20.65
N GLN D 100 14.29 -27.76 21.01
CA GLN D 100 14.66 -27.84 22.42
C GLN D 100 14.70 -26.46 23.06
N GLY D 101 14.99 -25.43 22.29
CA GLY D 101 15.02 -24.08 22.80
C GLY D 101 16.41 -23.49 22.77
N THR D 102 16.46 -22.16 22.62
CA THR D 102 17.72 -21.43 22.60
C THR D 102 17.54 -20.18 23.45
N LYS D 103 18.26 -20.11 24.57
CA LYS D 103 18.22 -18.95 25.45
C LYS D 103 19.30 -17.96 25.03
N VAL D 104 18.93 -16.68 24.94
CA VAL D 104 19.85 -15.61 24.56
C VAL D 104 20.00 -14.69 25.76
N GLU D 105 21.22 -14.60 26.28
CA GLU D 105 21.51 -13.90 27.53
C GLU D 105 22.47 -12.75 27.28
N ILE D 106 22.33 -11.69 28.08
CA ILE D 106 23.17 -10.51 27.94
C ILE D 106 24.58 -10.80 28.45
N LYS D 107 25.57 -10.53 27.61
CA LYS D 107 26.96 -10.73 28.01
C LYS D 107 27.36 -9.66 29.03
N ARG D 108 28.25 -10.02 29.95
CA ARG D 108 28.62 -9.12 31.03
C ARG D 108 30.01 -9.49 31.54
N THR D 109 30.67 -8.50 32.12
CA THR D 109 31.97 -8.73 32.74
C THR D 109 31.79 -9.58 33.98
N VAL D 110 32.80 -10.40 34.27
CA VAL D 110 32.71 -11.31 35.41
C VAL D 110 32.53 -10.49 36.69
N ALA D 111 31.54 -10.87 37.49
CA ALA D 111 31.27 -10.23 38.78
C ALA D 111 31.14 -11.30 39.84
N ALA D 112 31.64 -10.99 41.06
CA ALA D 112 31.60 -11.95 42.15
C ALA D 112 30.28 -11.85 42.91
N PRO D 113 29.86 -12.95 43.54
CA PRO D 113 28.58 -12.94 44.25
C PRO D 113 28.71 -12.39 45.66
N SER D 114 27.71 -11.61 46.07
CA SER D 114 27.58 -11.21 47.46
C SER D 114 26.86 -12.31 48.22
N VAL D 115 27.55 -12.92 49.19
CA VAL D 115 27.03 -14.09 49.89
C VAL D 115 26.51 -13.69 51.26
N PHE D 116 25.34 -14.22 51.62
CA PHE D 116 24.75 -14.00 52.93
C PHE D 116 24.15 -15.32 53.41
N ILE D 117 24.10 -15.48 54.73
CA ILE D 117 23.53 -16.67 55.34
C ILE D 117 22.49 -16.25 56.36
N PHE D 118 21.33 -16.90 56.35
CA PHE D 118 20.23 -16.60 57.25
C PHE D 118 19.92 -17.82 58.09
N PRO D 119 20.03 -17.74 59.42
CA PRO D 119 19.66 -18.88 60.27
C PRO D 119 18.15 -19.00 60.40
N PRO D 120 17.66 -20.12 60.93
CA PRO D 120 16.22 -20.30 61.05
C PRO D 120 15.63 -19.39 62.12
N SER D 121 14.43 -18.88 61.84
CA SER D 121 13.71 -18.10 62.82
C SER D 121 13.22 -18.99 63.95
N ASP D 122 13.00 -18.39 65.12
CA ASP D 122 12.51 -19.15 66.28
C ASP D 122 11.06 -19.58 66.08
N GLU D 123 10.25 -18.71 65.46
CA GLU D 123 8.88 -19.09 65.13
C GLU D 123 8.84 -20.40 64.36
N GLN D 124 9.79 -20.59 63.44
CA GLN D 124 9.86 -21.87 62.72
C GLN D 124 10.28 -23.00 63.64
N LEU D 125 11.19 -22.73 64.57
CA LEU D 125 11.61 -23.78 65.51
C LEU D 125 10.44 -24.26 66.35
N LYS D 126 9.49 -23.37 66.68
CA LYS D 126 8.30 -23.80 67.41
C LYS D 126 7.56 -24.90 66.65
N SER D 127 7.50 -24.78 65.32
CA SER D 127 6.77 -25.77 64.52
C SER D 127 7.50 -27.11 64.48
N GLY D 128 8.82 -27.10 64.59
CA GLY D 128 9.60 -28.33 64.62
C GLY D 128 10.55 -28.54 63.45
N THR D 129 10.65 -27.60 62.51
CA THR D 129 11.54 -27.72 61.37
C THR D 129 12.36 -26.43 61.24
N ALA D 130 13.62 -26.56 60.85
CA ALA D 130 14.55 -25.44 60.73
C ALA D 130 15.04 -25.34 59.29
N SER D 131 14.95 -24.13 58.73
CA SER D 131 15.38 -23.85 57.37
C SER D 131 16.50 -22.82 57.39
N VAL D 132 17.66 -23.20 56.85
CA VAL D 132 18.81 -22.32 56.74
C VAL D 132 18.91 -21.85 55.29
N VAL D 133 19.05 -20.54 55.09
CA VAL D 133 19.07 -19.99 53.73
C VAL D 133 20.46 -19.46 53.43
N CYS D 134 20.88 -19.62 52.17
CA CYS D 134 22.14 -19.05 51.68
C CYS D 134 21.85 -18.32 50.39
N LEU D 135 22.24 -17.05 50.32
CA LEU D 135 21.95 -16.17 49.21
C LEU D 135 23.24 -15.75 48.51
N LEU D 136 23.22 -15.79 47.18
CA LEU D 136 24.31 -15.31 46.34
C LEU D 136 23.73 -14.27 45.39
N ASN D 137 24.15 -13.03 45.52
CA ASN D 137 23.50 -11.92 44.83
C ASN D 137 24.42 -11.28 43.81
N ASN D 138 23.82 -10.85 42.70
CA ASN D 138 24.48 -10.01 41.70
C ASN D 138 25.79 -10.62 41.22
N PHE D 139 25.67 -11.75 40.50
CA PHE D 139 26.85 -12.43 39.99
C PHE D 139 26.61 -12.88 38.56
N TYR D 140 27.72 -13.11 37.84
CA TYR D 140 27.76 -13.54 36.45
C TYR D 140 29.11 -14.20 36.27
N PRO D 141 29.22 -15.30 35.50
CA PRO D 141 28.18 -16.04 34.78
C PRO D 141 27.22 -16.82 35.67
N ARG D 142 26.16 -17.38 35.05
CA ARG D 142 25.19 -18.15 35.81
C ARG D 142 25.85 -19.30 36.57
N GLU D 143 26.91 -19.87 36.01
CA GLU D 143 27.52 -21.07 36.58
C GLU D 143 28.05 -20.77 37.98
N ALA D 144 27.69 -21.62 38.94
CA ALA D 144 28.10 -21.46 40.33
C ALA D 144 27.80 -22.74 41.08
N LYS D 145 28.55 -22.99 42.15
CA LYS D 145 28.37 -24.20 42.96
C LYS D 145 28.22 -23.82 44.42
N VAL D 146 27.21 -24.38 45.07
CA VAL D 146 26.93 -24.15 46.48
C VAL D 146 27.00 -25.47 47.22
N GLN D 147 27.81 -25.52 48.26
CA GLN D 147 28.02 -26.74 49.06
C GLN D 147 27.70 -26.42 50.51
N TRP D 148 26.83 -27.24 51.11
CA TRP D 148 26.44 -27.05 52.50
C TRP D 148 27.34 -27.89 53.39
N LYS D 149 27.98 -27.26 54.37
CA LYS D 149 28.91 -27.94 55.26
C LYS D 149 28.46 -27.71 56.71
N VAL D 150 28.18 -28.79 57.42
CA VAL D 150 27.75 -28.74 58.81
C VAL D 150 28.85 -29.36 59.65
N ASP D 151 29.53 -28.54 60.43
CA ASP D 151 30.71 -28.96 61.18
C ASP D 151 31.74 -29.59 60.23
N ASN D 152 31.90 -28.97 59.06
CA ASN D 152 32.87 -29.39 58.06
C ASN D 152 32.53 -30.77 57.49
N ALA D 153 31.25 -31.12 57.45
CA ALA D 153 30.78 -32.38 56.89
C ALA D 153 29.71 -32.08 55.86
N LEU D 154 29.90 -32.54 54.63
CA LEU D 154 28.99 -32.21 53.55
C LEU D 154 27.62 -32.84 53.82
N GLN D 155 26.57 -32.06 53.56
CA GLN D 155 25.20 -32.50 53.75
C GLN D 155 24.51 -32.62 52.39
N SER D 156 23.94 -33.79 52.12
CA SER D 156 23.35 -34.12 50.83
C SER D 156 21.95 -34.68 51.02
N GLY D 157 21.05 -34.33 50.10
CA GLY D 157 19.71 -34.87 50.09
C GLY D 157 18.64 -33.98 50.70
N ASN D 158 19.03 -32.83 51.26
CA ASN D 158 18.08 -31.95 51.94
C ASN D 158 18.26 -30.49 51.52
N SER D 159 18.92 -30.24 50.40
CA SER D 159 19.19 -28.89 49.92
C SER D 159 18.50 -28.66 48.58
N GLN D 160 17.92 -27.48 48.41
CA GLN D 160 17.22 -27.11 47.19
C GLN D 160 17.56 -25.67 46.83
N GLU D 161 17.89 -25.41 45.57
CA GLU D 161 18.29 -24.07 45.16
C GLU D 161 17.49 -23.63 43.94
N SER D 162 17.32 -22.31 43.84
CA SER D 162 16.63 -21.70 42.70
C SER D 162 17.38 -20.46 42.25
N VAL D 163 17.25 -20.14 40.96
CA VAL D 163 17.97 -19.04 40.33
C VAL D 163 16.97 -18.10 39.68
N THR D 164 17.25 -16.80 39.76
CA THR D 164 16.43 -15.79 39.12
C THR D 164 16.88 -15.58 37.67
N GLU D 165 16.07 -14.83 36.92
CA GLU D 165 16.45 -14.42 35.59
C GLU D 165 17.32 -13.16 35.65
N GLN D 166 17.95 -12.83 34.52
CA GLN D 166 18.81 -11.66 34.48
C GLN D 166 18.06 -10.40 34.88
N ASP D 167 18.73 -9.55 35.65
CA ASP D 167 18.14 -8.28 36.07
C ASP D 167 17.92 -7.37 34.87
N SER D 168 16.89 -6.53 34.96
CA SER D 168 16.56 -5.65 33.84
C SER D 168 17.75 -4.79 33.43
N LYS D 169 18.39 -4.13 34.39
CA LYS D 169 19.51 -3.24 34.13
C LYS D 169 20.86 -3.81 34.58
N ASP D 170 20.91 -4.53 35.69
CA ASP D 170 22.19 -5.07 36.15
C ASP D 170 22.68 -6.18 35.23
N SER D 171 21.76 -7.01 34.72
CA SER D 171 22.11 -8.15 33.87
C SER D 171 22.90 -9.19 34.65
N THR D 172 22.53 -9.40 35.91
CA THR D 172 23.23 -10.33 36.78
C THR D 172 22.23 -11.32 37.36
N TYR D 173 22.74 -12.48 37.72
CA TYR D 173 21.94 -13.57 38.28
C TYR D 173 22.05 -13.57 39.80
N SER D 174 21.07 -14.21 40.44
CA SER D 174 21.06 -14.40 41.88
C SER D 174 20.52 -15.78 42.19
N LEU D 175 21.00 -16.37 43.28
CA LEU D 175 20.68 -17.74 43.63
C LEU D 175 20.35 -17.84 45.11
N SER D 176 19.42 -18.73 45.43
CA SER D 176 18.99 -18.98 46.80
C SER D 176 18.95 -20.48 47.05
N SER D 177 19.75 -20.95 48.02
CA SER D 177 19.80 -22.35 48.39
C SER D 177 19.29 -22.52 49.81
N THR D 178 18.27 -23.35 49.98
CA THR D 178 17.65 -23.59 51.27
C THR D 178 17.96 -25.01 51.72
N LEU D 179 18.38 -25.14 52.98
CA LEU D 179 18.67 -26.43 53.60
C LEU D 179 17.69 -26.61 54.75
N THR D 180 16.80 -27.58 54.61
CA THR D 180 15.73 -27.81 55.59
C THR D 180 15.97 -29.11 56.33
N LEU D 181 15.76 -29.09 57.65
CA LEU D 181 15.94 -30.30 58.43
C LEU D 181 15.20 -30.16 59.76
N SER D 182 14.95 -31.30 60.39
CA SER D 182 14.15 -31.33 61.60
C SER D 182 14.85 -30.60 62.74
N LYS D 183 14.05 -30.07 63.67
CA LYS D 183 14.61 -29.36 64.81
C LYS D 183 15.54 -30.27 65.61
N ALA D 184 15.15 -31.53 65.81
CA ALA D 184 16.00 -32.45 66.54
C ALA D 184 17.36 -32.60 65.85
N ASP D 185 17.36 -32.82 64.54
CA ASP D 185 18.61 -32.96 63.81
C ASP D 185 19.36 -31.65 63.72
N TYR D 186 18.64 -30.52 63.71
CA TYR D 186 19.29 -29.21 63.70
C TYR D 186 20.08 -28.97 64.98
N GLU D 187 19.50 -29.34 66.13
CA GLU D 187 20.16 -29.15 67.41
C GLU D 187 21.34 -30.09 67.61
N LYS D 188 21.49 -31.11 66.77
CA LYS D 188 22.59 -32.06 66.96
C LYS D 188 23.94 -31.43 66.67
N HIS D 189 24.00 -30.46 65.77
CA HIS D 189 25.23 -29.79 65.40
C HIS D 189 25.18 -28.32 65.82
N LYS D 190 26.33 -27.66 65.78
CA LYS D 190 26.44 -26.29 66.25
C LYS D 190 26.87 -25.29 65.19
N VAL D 191 27.56 -25.72 64.14
CA VAL D 191 28.09 -24.83 63.11
C VAL D 191 27.44 -25.17 61.77
N TYR D 192 27.03 -24.15 61.04
CA TYR D 192 26.39 -24.31 59.74
C TYR D 192 27.04 -23.33 58.77
N ALA D 193 27.58 -23.85 57.66
CA ALA D 193 28.33 -23.04 56.71
C ALA D 193 27.88 -23.32 55.29
N CYS D 194 27.99 -22.30 54.45
CA CYS D 194 27.60 -22.33 53.05
C CYS D 194 28.82 -21.98 52.20
N GLU D 195 29.54 -23.01 51.76
CA GLU D 195 30.69 -22.82 50.89
C GLU D 195 30.21 -22.52 49.47
N VAL D 196 30.90 -21.59 48.81
CA VAL D 196 30.49 -21.08 47.51
C VAL D 196 31.69 -21.05 46.59
N THR D 197 31.55 -21.65 45.41
CA THR D 197 32.58 -21.67 44.39
C THR D 197 32.04 -21.00 43.14
N HIS D 198 32.75 -19.97 42.67
CA HIS D 198 32.36 -19.20 41.50
C HIS D 198 33.57 -19.03 40.59
N GLN D 199 33.30 -18.74 39.32
CA GLN D 199 34.38 -18.46 38.38
C GLN D 199 35.15 -17.21 38.81
N GLY D 200 34.44 -16.15 39.17
CA GLY D 200 35.07 -14.92 39.60
C GLY D 200 35.37 -14.89 41.08
N LEU D 201 36.15 -15.87 41.56
CA LEU D 201 36.51 -15.95 42.97
C LEU D 201 37.85 -16.65 43.10
N SER D 202 38.80 -16.00 43.77
CA SER D 202 40.12 -16.58 43.95
C SER D 202 40.04 -17.90 44.71
N SER D 203 39.25 -17.94 45.78
CA SER D 203 39.10 -19.13 46.60
C SER D 203 37.63 -19.26 46.99
N PRO D 204 37.18 -20.46 47.35
CA PRO D 204 35.78 -20.62 47.76
C PRO D 204 35.48 -19.80 49.01
N VAL D 205 34.38 -19.06 48.97
CA VAL D 205 33.94 -18.30 50.13
C VAL D 205 33.19 -19.23 51.07
N THR D 206 33.20 -18.92 52.37
CA THR D 206 32.58 -19.81 53.37
C THR D 206 31.95 -18.95 54.46
N LYS D 207 30.75 -18.44 54.19
CA LYS D 207 29.95 -17.76 55.20
C LYS D 207 29.31 -18.80 56.11
N SER D 208 29.37 -18.58 57.42
CA SER D 208 28.88 -19.55 58.39
C SER D 208 28.25 -18.85 59.57
N PHE D 209 27.62 -19.65 60.42
CA PHE D 209 27.02 -19.16 61.66
C PHE D 209 26.98 -20.31 62.65
N ASN D 210 26.87 -19.96 63.93
CA ASN D 210 26.87 -20.92 65.03
C ASN D 210 25.53 -20.86 65.76
N ARG D 211 24.92 -22.02 65.96
CA ARG D 211 23.66 -22.08 66.66
C ARG D 211 23.84 -21.66 68.11
N GLY D 212 22.89 -20.88 68.62
CA GLY D 212 22.99 -20.38 69.99
C GLY D 212 23.76 -19.10 70.15
N GLU D 213 23.93 -18.33 69.09
CA GLU D 213 24.69 -17.08 69.14
C GLU D 213 23.93 -15.98 68.41
N CYS D 214 24.27 -14.74 68.77
CA CYS D 214 23.63 -13.56 68.21
C CYS D 214 24.67 -12.58 67.67
N THR E 6 9.00 -2.70 -39.12
CA THR E 6 8.74 -1.66 -38.13
C THR E 6 7.30 -1.75 -37.62
N ASN E 7 7.05 -2.69 -36.72
CA ASN E 7 5.77 -2.87 -36.07
C ASN E 7 5.98 -2.89 -34.56
N LEU E 8 5.22 -2.06 -33.85
CA LEU E 8 5.41 -1.93 -32.40
C LEU E 8 5.08 -3.24 -31.70
N CYS E 9 5.88 -3.57 -30.69
CA CYS E 9 5.64 -4.79 -29.93
C CYS E 9 4.44 -4.62 -29.00
N PRO E 10 3.70 -5.69 -28.72
CA PRO E 10 2.50 -5.57 -27.88
C PRO E 10 2.79 -5.61 -26.40
N PHE E 11 3.50 -4.59 -25.91
CA PHE E 11 3.75 -4.49 -24.47
C PHE E 11 2.48 -4.13 -23.70
N GLY E 12 1.55 -3.43 -24.35
CA GLY E 12 0.29 -3.13 -23.69
C GLY E 12 -0.45 -4.37 -23.24
N GLU E 13 -0.52 -5.37 -24.11
CA GLU E 13 -1.18 -6.64 -23.76
C GLU E 13 -0.66 -7.19 -22.44
N VAL E 14 0.61 -6.98 -22.13
CA VAL E 14 1.23 -7.63 -20.98
C VAL E 14 1.12 -6.78 -19.72
N PHE E 15 1.54 -5.51 -19.78
CA PHE E 15 1.57 -4.69 -18.57
C PHE E 15 0.17 -4.21 -18.17
N ASN E 16 -0.65 -3.84 -19.15
CA ASN E 16 -1.98 -3.30 -18.90
C ASN E 16 -3.07 -4.36 -18.96
N ALA E 17 -2.70 -5.63 -18.89
CA ALA E 17 -3.69 -6.70 -18.98
C ALA E 17 -4.74 -6.54 -17.90
N THR E 18 -5.99 -6.84 -18.26
CA THR E 18 -7.10 -6.73 -17.33
C THR E 18 -6.81 -7.51 -16.06
N ARG E 19 -6.54 -8.81 -16.21
CA ARG E 19 -6.26 -9.70 -15.08
C ARG E 19 -4.92 -10.39 -15.28
N PHE E 20 -4.27 -10.67 -14.16
CA PHE E 20 -2.97 -11.33 -14.15
C PHE E 20 -3.13 -12.79 -13.70
N ALA E 21 -2.15 -13.59 -14.06
CA ALA E 21 -2.15 -15.00 -13.70
C ALA E 21 -1.56 -15.21 -12.31
N SER E 22 -1.88 -16.37 -11.73
CA SER E 22 -1.32 -16.72 -10.43
C SER E 22 0.13 -17.16 -10.58
N VAL E 23 0.93 -16.90 -9.54
CA VAL E 23 2.37 -17.10 -9.65
C VAL E 23 2.71 -18.56 -9.93
N TYR E 24 1.87 -19.49 -9.47
CA TYR E 24 2.16 -20.90 -9.72
C TYR E 24 1.96 -21.24 -11.20
N ALA E 25 1.10 -20.51 -11.90
CA ALA E 25 0.90 -20.70 -13.33
C ALA E 25 1.23 -19.41 -14.07
N TRP E 26 2.41 -18.84 -13.78
CA TRP E 26 2.83 -17.61 -14.41
C TRP E 26 2.63 -17.67 -15.92
N ASN E 27 2.18 -16.54 -16.49
CA ASN E 27 1.93 -16.46 -17.92
C ASN E 27 3.19 -16.01 -18.65
N ARG E 28 3.37 -16.52 -19.88
CA ARG E 28 4.52 -16.18 -20.70
C ARG E 28 4.07 -15.82 -22.10
N LYS E 29 4.61 -14.72 -22.64
CA LYS E 29 4.28 -14.23 -23.97
C LYS E 29 5.57 -14.05 -24.75
N ARG E 30 5.61 -14.64 -25.95
CA ARG E 30 6.77 -14.53 -26.81
C ARG E 30 6.71 -13.24 -27.62
N ILE E 31 7.88 -12.64 -27.85
CA ILE E 31 8.00 -11.39 -28.58
C ILE E 31 8.99 -11.58 -29.71
N SER E 32 8.51 -11.32 -30.94
CA SER E 32 9.25 -11.44 -32.19
C SER E 32 8.57 -10.54 -33.22
N ASN E 33 9.25 -10.35 -34.35
CA ASN E 33 8.73 -9.58 -35.48
C ASN E 33 8.12 -8.25 -35.02
N CYS E 34 8.92 -7.44 -34.34
CA CYS E 34 8.44 -6.17 -33.85
C CYS E 34 9.62 -5.35 -33.34
N VAL E 35 9.33 -4.08 -33.05
CA VAL E 35 10.29 -3.14 -32.47
C VAL E 35 9.64 -2.50 -31.24
N ALA E 36 10.45 -2.24 -30.21
CA ALA E 36 9.92 -1.65 -29.00
C ALA E 36 10.98 -0.78 -28.34
N ASP E 37 10.52 0.31 -27.73
CA ASP E 37 11.40 1.25 -27.03
C ASP E 37 11.43 0.85 -25.56
N TYR E 38 12.52 0.20 -25.14
CA TYR E 38 12.66 -0.18 -23.74
C TYR E 38 12.81 1.05 -22.85
N SER E 39 13.61 2.03 -23.29
CA SER E 39 13.89 3.19 -22.46
C SER E 39 12.63 3.93 -22.03
N VAL E 40 11.55 3.80 -22.81
CA VAL E 40 10.30 4.48 -22.47
C VAL E 40 9.73 3.91 -21.17
N LEU E 41 9.86 2.61 -20.95
CA LEU E 41 9.34 2.00 -19.73
C LEU E 41 10.10 2.50 -18.51
N TYR E 42 11.44 2.47 -18.56
CA TYR E 42 12.22 2.97 -17.43
C TYR E 42 11.97 4.46 -17.21
N ASN E 43 11.72 5.22 -18.30
CA ASN E 43 11.37 6.62 -18.14
C ASN E 43 9.98 6.81 -17.53
N SER E 44 9.09 5.82 -17.68
CA SER E 44 7.75 5.96 -17.12
C SER E 44 7.79 6.17 -15.61
N ALA E 45 8.73 5.52 -14.93
CA ALA E 45 8.88 5.66 -13.47
C ALA E 45 7.56 5.38 -12.76
N SER E 46 6.73 4.53 -13.35
CA SER E 46 5.47 4.10 -12.76
C SER E 46 5.59 2.79 -11.99
N PHE E 47 6.79 2.22 -11.91
CA PHE E 47 7.03 0.96 -11.23
C PHE E 47 7.80 1.20 -9.93
N SER E 48 7.69 0.23 -9.02
CA SER E 48 8.40 0.29 -7.75
C SER E 48 9.71 -0.48 -7.75
N THR E 49 9.87 -1.43 -8.66
CA THR E 49 11.14 -2.16 -8.80
C THR E 49 11.44 -2.30 -10.28
N PHE E 50 12.69 -2.01 -10.66
CA PHE E 50 13.12 -2.11 -12.05
C PHE E 50 14.61 -2.49 -12.04
N LYS E 51 14.88 -3.77 -11.80
CA LYS E 51 16.24 -4.26 -11.61
C LYS E 51 16.63 -5.15 -12.79
N CYS E 52 17.75 -4.83 -13.42
CA CYS E 52 18.22 -5.54 -14.60
C CYS E 52 19.50 -6.29 -14.29
N TYR E 53 19.53 -7.57 -14.64
CA TYR E 53 20.67 -8.45 -14.38
C TYR E 53 21.34 -8.80 -15.70
N GLY E 54 22.67 -8.69 -15.73
CA GLY E 54 23.41 -8.98 -16.93
C GLY E 54 23.45 -7.87 -17.95
N VAL E 55 23.01 -6.65 -17.58
CA VAL E 55 22.95 -5.54 -18.52
C VAL E 55 22.53 -4.28 -17.77
N SER E 56 23.09 -3.14 -18.16
CA SER E 56 22.71 -1.87 -17.54
C SER E 56 21.27 -1.53 -17.90
N PRO E 57 20.53 -0.90 -16.98
CA PRO E 57 19.10 -0.67 -17.26
C PRO E 57 18.87 0.41 -18.31
N THR E 58 19.63 1.50 -18.27
CA THR E 58 19.41 2.62 -19.16
C THR E 58 19.92 2.32 -20.56
N LYS E 59 19.27 2.94 -21.55
CA LYS E 59 19.61 2.76 -22.96
C LYS E 59 19.86 1.29 -23.29
N LEU E 60 18.79 0.53 -23.45
CA LEU E 60 18.86 -0.83 -23.96
C LEU E 60 18.17 -0.98 -25.30
N ASN E 61 17.51 0.08 -25.79
CA ASN E 61 16.90 0.04 -27.10
C ASN E 61 17.93 -0.09 -28.22
N ASP E 62 19.20 0.23 -27.95
CA ASP E 62 20.22 0.05 -28.98
C ASP E 62 20.47 -1.42 -29.25
N LEU E 63 20.54 -2.24 -28.20
CA LEU E 63 20.81 -3.66 -28.37
C LEU E 63 19.63 -4.38 -29.02
N CYS E 64 19.95 -5.44 -29.76
CA CYS E 64 18.95 -6.27 -30.42
C CYS E 64 19.07 -7.71 -29.91
N PHE E 65 17.92 -8.38 -29.82
CA PHE E 65 17.84 -9.74 -29.34
C PHE E 65 16.97 -10.55 -30.30
N THR E 66 17.30 -11.84 -30.43
CA THR E 66 16.57 -12.68 -31.37
C THR E 66 15.15 -12.97 -30.86
N ASN E 67 15.02 -13.45 -29.63
CA ASN E 67 13.71 -13.73 -29.07
C ASN E 67 13.59 -13.07 -27.71
N VAL E 68 12.39 -12.55 -27.39
CA VAL E 68 12.16 -12.01 -26.06
C VAL E 68 10.98 -12.72 -25.43
N TYR E 69 11.01 -12.84 -24.10
CA TYR E 69 9.94 -13.49 -23.36
C TYR E 69 9.48 -12.55 -22.24
N ALA E 70 8.16 -12.41 -22.11
CA ALA E 70 7.56 -11.56 -21.07
C ALA E 70 6.73 -12.45 -20.16
N ASP E 71 7.18 -12.61 -18.92
CA ASP E 71 6.50 -13.45 -17.93
C ASP E 71 5.78 -12.56 -16.92
N SER E 72 4.50 -12.81 -16.72
CA SER E 72 3.68 -12.00 -15.82
C SER E 72 3.05 -12.86 -14.73
N PHE E 73 3.02 -12.31 -13.52
CA PHE E 73 2.30 -12.95 -12.40
C PHE E 73 2.07 -11.93 -11.30
N VAL E 74 1.43 -12.38 -10.22
CA VAL E 74 1.10 -11.55 -9.06
C VAL E 74 1.66 -12.23 -7.82
N ILE E 75 2.21 -11.43 -6.91
CA ILE E 75 2.75 -11.98 -5.65
C ILE E 75 2.64 -10.93 -4.55
N ARG E 76 3.22 -11.21 -3.38
CA ARG E 76 3.25 -10.25 -2.30
C ARG E 76 4.39 -9.26 -2.50
N GLY E 77 4.40 -8.22 -1.66
CA GLY E 77 5.50 -7.28 -1.70
C GLY E 77 6.78 -7.87 -1.12
N ASP E 78 6.66 -8.49 0.06
CA ASP E 78 7.83 -9.12 0.68
C ASP E 78 8.54 -10.06 -0.28
N GLU E 79 7.80 -10.65 -1.22
CA GLU E 79 8.33 -11.68 -2.10
C GLU E 79 8.99 -11.14 -3.35
N VAL E 80 8.90 -9.83 -3.62
CA VAL E 80 9.47 -9.29 -4.85
C VAL E 80 10.96 -9.57 -4.89
N ARG E 81 11.64 -9.48 -3.74
CA ARG E 81 13.08 -9.72 -3.71
C ARG E 81 13.44 -11.15 -4.08
N GLN E 82 12.48 -12.08 -4.03
CA GLN E 82 12.74 -13.45 -4.42
C GLN E 82 12.77 -13.64 -5.93
N ILE E 83 12.22 -12.70 -6.68
CA ILE E 83 12.24 -12.78 -8.15
C ILE E 83 13.56 -12.22 -8.64
N ALA E 84 14.65 -12.95 -8.40
CA ALA E 84 15.98 -12.52 -8.76
C ALA E 84 16.90 -13.73 -8.79
N PRO E 85 18.03 -13.65 -9.48
CA PRO E 85 18.93 -14.81 -9.55
C PRO E 85 19.42 -15.22 -8.16
N GLY E 86 19.52 -16.53 -7.96
CA GLY E 86 20.07 -17.08 -6.74
C GLY E 86 19.40 -16.59 -5.47
N GLN E 87 18.07 -16.68 -5.43
CA GLN E 87 17.29 -16.32 -4.25
C GLN E 87 16.47 -17.53 -3.80
N THR E 88 16.15 -17.56 -2.51
CA THR E 88 15.44 -18.69 -1.91
C THR E 88 14.17 -18.22 -1.24
N GLY E 89 13.20 -19.11 -1.19
CA GLY E 89 11.89 -18.81 -0.63
C GLY E 89 10.82 -19.66 -1.30
N LYS E 90 9.61 -19.56 -0.78
CA LYS E 90 8.50 -20.31 -1.35
C LYS E 90 8.35 -20.04 -2.84
N ILE E 91 8.39 -18.76 -3.22
CA ILE E 91 8.18 -18.40 -4.63
C ILE E 91 9.33 -18.90 -5.48
N ALA E 92 10.56 -18.57 -5.11
CA ALA E 92 11.71 -18.98 -5.90
C ALA E 92 11.81 -20.49 -6.02
N ASP E 93 11.43 -21.22 -4.96
CA ASP E 93 11.64 -22.66 -4.91
C ASP E 93 10.50 -23.45 -5.55
N TYR E 94 9.25 -23.06 -5.30
CA TYR E 94 8.10 -23.86 -5.69
C TYR E 94 7.25 -23.22 -6.79
N ASN E 95 7.62 -22.05 -7.29
CA ASN E 95 6.72 -21.32 -8.19
C ASN E 95 7.41 -20.76 -9.43
N TYR E 96 8.41 -19.89 -9.24
CA TYR E 96 9.06 -19.22 -10.37
C TYR E 96 10.53 -19.02 -10.05
N LYS E 97 11.40 -19.76 -10.74
CA LYS E 97 12.84 -19.72 -10.51
C LYS E 97 13.53 -19.09 -11.70
N LEU E 98 14.44 -18.14 -11.43
CA LEU E 98 15.28 -17.58 -12.46
C LEU E 98 16.64 -18.26 -12.46
N PRO E 99 17.28 -18.46 -13.61
CA PRO E 99 18.60 -19.07 -13.62
C PRO E 99 19.65 -18.13 -13.05
N ASP E 100 20.77 -18.72 -12.61
CA ASP E 100 21.87 -17.92 -12.09
C ASP E 100 22.46 -17.03 -13.19
N ASP E 101 22.57 -17.55 -14.40
CA ASP E 101 23.08 -16.77 -15.54
C ASP E 101 21.94 -16.05 -16.24
N PHE E 102 21.23 -15.24 -15.46
CA PHE E 102 20.07 -14.51 -15.96
C PHE E 102 20.49 -13.23 -16.64
N THR E 103 20.04 -13.03 -17.87
CA THR E 103 20.27 -11.79 -18.61
C THR E 103 18.90 -11.23 -18.97
N GLY E 104 18.43 -10.26 -18.20
CA GLY E 104 17.13 -9.71 -18.44
C GLY E 104 16.81 -8.62 -17.44
N CYS E 105 15.51 -8.37 -17.25
CA CYS E 105 15.06 -7.33 -16.34
C CYS E 105 13.81 -7.80 -15.60
N VAL E 106 13.65 -7.29 -14.38
CA VAL E 106 12.54 -7.63 -13.50
C VAL E 106 11.87 -6.33 -13.09
N ILE E 107 10.57 -6.22 -13.39
CA ILE E 107 9.79 -5.02 -13.14
C ILE E 107 8.63 -5.40 -12.22
N ALA E 108 8.38 -4.57 -11.21
CA ALA E 108 7.34 -4.85 -10.23
C ALA E 108 6.66 -3.55 -9.83
N TRP E 109 5.34 -3.61 -9.69
CA TRP E 109 4.59 -2.43 -9.25
C TRP E 109 3.39 -2.86 -8.43
N ASN E 110 3.08 -2.05 -7.41
CA ASN E 110 1.94 -2.32 -6.55
C ASN E 110 0.64 -2.25 -7.35
N SER E 111 -0.32 -3.10 -6.97
CA SER E 111 -1.61 -3.18 -7.67
C SER E 111 -2.77 -3.35 -6.69
N ASN E 112 -2.64 -2.80 -5.49
CA ASN E 112 -3.70 -2.96 -4.49
C ASN E 112 -5.02 -2.38 -4.96
N ASN E 113 -4.98 -1.32 -5.78
CA ASN E 113 -6.20 -0.65 -6.16
C ASN E 113 -7.11 -1.52 -7.02
N LEU E 114 -6.53 -2.46 -7.77
CA LEU E 114 -7.32 -3.27 -8.69
C LEU E 114 -7.22 -4.77 -8.43
N ASP E 115 -6.31 -5.22 -7.55
CA ASP E 115 -6.16 -6.64 -7.23
C ASP E 115 -6.60 -6.97 -5.81
N SER E 116 -7.21 -6.01 -5.11
CA SER E 116 -7.77 -6.26 -3.79
C SER E 116 -9.26 -5.95 -3.81
N LYS E 117 -10.00 -6.70 -3.00
CA LYS E 117 -11.45 -6.55 -2.92
C LYS E 117 -11.86 -6.58 -1.46
N VAL E 118 -12.90 -5.82 -1.13
CA VAL E 118 -13.44 -5.84 0.23
C VAL E 118 -13.81 -7.28 0.57
N GLY E 119 -13.47 -7.70 1.79
CA GLY E 119 -13.65 -9.07 2.18
C GLY E 119 -12.64 -10.04 1.61
N GLY E 120 -11.59 -9.54 0.95
CA GLY E 120 -10.51 -10.38 0.49
C GLY E 120 -10.71 -10.94 -0.89
N ASN E 121 -9.64 -10.96 -1.69
CA ASN E 121 -9.63 -11.58 -3.01
C ASN E 121 -8.89 -12.92 -2.91
N TYR E 122 -9.58 -14.01 -3.20
CA TYR E 122 -9.01 -15.35 -3.13
C TYR E 122 -8.81 -15.95 -4.51
N ASN E 123 -8.58 -15.12 -5.52
CA ASN E 123 -8.35 -15.61 -6.87
C ASN E 123 -6.89 -15.94 -7.15
N TYR E 124 -5.96 -15.31 -6.45
CA TYR E 124 -4.54 -15.48 -6.69
C TYR E 124 -3.97 -16.53 -5.75
N LEU E 125 -3.30 -17.53 -6.32
CA LEU E 125 -2.81 -18.68 -5.59
C LEU E 125 -1.31 -18.82 -5.73
N TYR E 126 -0.72 -19.58 -4.81
CA TYR E 126 0.70 -19.90 -4.83
C TYR E 126 0.89 -21.31 -4.29
N ARG E 127 1.97 -21.96 -4.73
CA ARG E 127 2.27 -23.32 -4.30
C ARG E 127 3.00 -23.29 -2.96
N LEU E 128 2.53 -24.11 -2.02
CA LEU E 128 3.04 -24.12 -0.65
C LEU E 128 3.90 -25.34 -0.35
N PHE E 129 3.54 -26.52 -0.85
CA PHE E 129 4.29 -27.74 -0.62
C PHE E 129 4.80 -28.30 -1.95
N ARG E 130 6.05 -28.77 -1.95
CA ARG E 130 6.61 -29.45 -3.11
C ARG E 130 7.75 -30.33 -2.65
N LYS E 131 7.91 -31.48 -3.32
CA LYS E 131 8.94 -32.43 -2.92
C LYS E 131 10.34 -31.89 -3.19
N SER E 132 10.55 -31.23 -4.34
CA SER E 132 11.86 -30.75 -4.74
C SER E 132 11.74 -29.37 -5.36
N ASN E 133 12.81 -28.58 -5.23
CA ASN E 133 12.84 -27.25 -5.80
C ASN E 133 12.59 -27.29 -7.31
N LEU E 134 12.30 -26.12 -7.87
CA LEU E 134 11.97 -25.99 -9.28
C LEU E 134 13.20 -25.63 -10.09
N LYS E 135 13.33 -26.26 -11.25
CA LYS E 135 14.36 -25.88 -12.19
C LYS E 135 13.99 -24.54 -12.85
N PRO E 136 14.98 -23.78 -13.31
CA PRO E 136 14.69 -22.42 -13.81
C PRO E 136 13.72 -22.44 -14.98
N PHE E 137 12.81 -21.47 -14.98
CA PHE E 137 11.82 -21.30 -16.05
C PHE E 137 10.97 -22.55 -16.22
N GLU E 138 10.67 -23.23 -15.13
CA GLU E 138 9.79 -24.39 -15.12
C GLU E 138 8.47 -24.00 -14.47
N ARG E 139 7.37 -24.52 -15.01
CA ARG E 139 6.03 -24.25 -14.50
C ARG E 139 5.41 -25.55 -14.04
N ASP E 140 4.72 -25.51 -12.90
CA ASP E 140 4.06 -26.67 -12.31
C ASP E 140 2.64 -26.27 -11.96
N ILE E 141 1.67 -26.74 -12.75
CA ILE E 141 0.26 -26.49 -12.48
C ILE E 141 -0.43 -27.71 -11.88
N SER E 142 0.33 -28.74 -11.51
CA SER E 142 -0.26 -29.93 -10.92
C SER E 142 -1.03 -29.57 -9.65
N THR E 143 -2.18 -30.20 -9.47
CA THR E 143 -3.05 -29.94 -8.33
C THR E 143 -3.27 -31.19 -7.50
N GLU E 144 -2.27 -32.06 -7.45
CA GLU E 144 -2.37 -33.33 -6.75
C GLU E 144 -2.17 -33.14 -5.26
N ILE E 145 -2.96 -33.86 -4.46
CA ILE E 145 -2.90 -33.72 -3.01
C ILE E 145 -1.51 -34.07 -2.52
N TYR E 146 -0.94 -33.18 -1.71
CA TYR E 146 0.39 -33.40 -1.15
C TYR E 146 0.29 -34.34 0.05
N GLN E 147 1.18 -35.32 0.08
CA GLN E 147 1.16 -36.38 1.10
C GLN E 147 2.41 -36.24 1.95
N ALA E 148 2.23 -35.81 3.20
CA ALA E 148 3.34 -35.62 4.11
C ALA E 148 3.55 -36.81 5.04
N GLY E 149 2.48 -37.48 5.43
CA GLY E 149 2.60 -38.65 6.26
C GLY E 149 3.03 -39.88 5.47
N SER E 150 3.34 -40.94 6.21
CA SER E 150 3.62 -42.21 5.56
C SER E 150 2.35 -42.84 4.99
N THR E 151 1.20 -42.54 5.60
CA THR E 151 -0.07 -43.10 5.14
C THR E 151 -0.47 -42.46 3.80
N PRO E 152 -1.12 -43.23 2.93
CA PRO E 152 -1.59 -42.66 1.67
C PRO E 152 -2.80 -41.76 1.87
N CYS E 153 -2.88 -40.70 1.06
CA CYS E 153 -3.96 -39.74 1.19
C CYS E 153 -5.20 -40.13 0.40
N ASN E 154 -5.01 -40.72 -0.78
CA ASN E 154 -6.13 -41.12 -1.65
C ASN E 154 -7.00 -39.92 -2.03
N GLY E 155 -6.39 -38.74 -2.14
CA GLY E 155 -7.07 -37.57 -2.66
C GLY E 155 -8.08 -36.92 -1.74
N VAL E 156 -7.76 -36.80 -0.46
CA VAL E 156 -8.66 -36.22 0.53
C VAL E 156 -7.87 -35.26 1.42
N GLU E 157 -8.38 -34.04 1.56
CA GLU E 157 -7.71 -33.05 2.41
C GLU E 157 -7.80 -33.46 3.87
N GLY E 158 -6.73 -33.18 4.62
CA GLY E 158 -6.72 -33.45 6.03
C GLY E 158 -5.33 -33.23 6.60
N PHE E 159 -5.13 -33.70 7.83
CA PHE E 159 -3.81 -33.66 8.44
C PHE E 159 -2.86 -34.56 7.67
N ASN E 160 -1.64 -34.09 7.47
CA ASN E 160 -0.63 -34.77 6.66
C ASN E 160 -1.11 -35.03 5.24
N CYS E 161 -2.16 -34.32 4.80
CA CYS E 161 -2.71 -34.51 3.46
C CYS E 161 -3.24 -33.15 2.98
N TYR E 162 -2.32 -32.34 2.47
CA TYR E 162 -2.58 -30.94 2.17
C TYR E 162 -2.75 -30.71 0.68
N PHE E 163 -3.71 -29.86 0.34
CA PHE E 163 -3.83 -29.37 -1.02
C PHE E 163 -2.64 -28.44 -1.31
N PRO E 164 -1.93 -28.64 -2.43
CA PRO E 164 -0.65 -27.94 -2.60
C PRO E 164 -0.77 -26.43 -2.77
N LEU E 165 -1.88 -25.94 -3.33
CA LEU E 165 -2.03 -24.52 -3.65
C LEU E 165 -2.83 -23.82 -2.56
N GLN E 166 -2.38 -22.61 -2.20
CA GLN E 166 -3.04 -21.82 -1.17
C GLN E 166 -3.20 -20.38 -1.67
N SER E 167 -4.20 -19.70 -1.13
CA SER E 167 -4.60 -18.40 -1.65
C SER E 167 -3.95 -17.25 -0.89
N TYR E 168 -3.57 -16.22 -1.63
CA TYR E 168 -3.04 -15.00 -1.02
C TYR E 168 -4.14 -14.28 -0.26
N GLY E 169 -3.83 -13.84 0.95
CA GLY E 169 -4.78 -13.08 1.73
C GLY E 169 -4.77 -11.60 1.38
N PHE E 170 -5.18 -11.27 0.15
CA PHE E 170 -5.11 -9.90 -0.34
C PHE E 170 -6.28 -9.10 0.23
N GLN E 171 -6.18 -8.86 1.53
CA GLN E 171 -7.10 -7.94 2.21
C GLN E 171 -6.70 -6.51 1.88
N PRO E 172 -7.68 -5.62 1.65
CA PRO E 172 -7.31 -4.20 1.43
C PRO E 172 -6.60 -3.58 2.62
N THR E 173 -7.03 -3.87 3.84
CA THR E 173 -6.45 -3.27 5.04
C THR E 173 -5.22 -4.07 5.50
N ASN E 174 -4.26 -4.22 4.58
CA ASN E 174 -3.07 -5.01 4.83
C ASN E 174 -1.84 -4.16 4.56
N GLY E 175 -0.78 -4.44 5.33
CA GLY E 175 0.47 -3.73 5.15
C GLY E 175 1.04 -3.90 3.76
N VAL E 176 2.11 -3.15 3.51
CA VAL E 176 2.72 -3.14 2.18
C VAL E 176 3.25 -4.52 1.81
N GLY E 177 3.83 -5.23 2.78
CA GLY E 177 4.43 -6.51 2.49
C GLY E 177 3.43 -7.55 2.01
N TYR E 178 2.19 -7.45 2.47
CA TYR E 178 1.14 -8.39 2.10
C TYR E 178 0.18 -7.81 1.07
N GLN E 179 0.47 -6.63 0.53
CA GLN E 179 -0.31 -6.07 -0.55
C GLN E 179 0.08 -6.70 -1.88
N PRO E 180 -0.87 -6.87 -2.81
CA PRO E 180 -0.53 -7.49 -4.08
C PRO E 180 0.43 -6.64 -4.89
N TYR E 181 1.22 -7.31 -5.72
CA TYR E 181 2.20 -6.66 -6.58
C TYR E 181 2.24 -7.43 -7.90
N ARG E 182 2.14 -6.69 -9.01
CA ARG E 182 2.21 -7.27 -10.34
C ARG E 182 3.65 -7.24 -10.81
N VAL E 183 4.12 -8.38 -11.32
CA VAL E 183 5.52 -8.56 -11.69
C VAL E 183 5.58 -9.02 -13.14
N VAL E 184 6.48 -8.38 -13.90
CA VAL E 184 6.77 -8.73 -15.29
C VAL E 184 8.28 -8.92 -15.43
N VAL E 185 8.69 -10.08 -15.95
CA VAL E 185 10.08 -10.43 -16.13
C VAL E 185 10.35 -10.52 -17.64
N LEU E 186 11.27 -9.70 -18.12
CA LEU E 186 11.66 -9.69 -19.52
C LEU E 186 12.97 -10.45 -19.68
N SER E 187 12.94 -11.51 -20.47
CA SER E 187 14.10 -12.37 -20.71
C SER E 187 14.53 -12.25 -22.17
N PHE E 188 15.83 -12.12 -22.39
CA PHE E 188 16.40 -11.91 -23.71
C PHE E 188 17.22 -13.13 -24.11
N GLU E 189 16.94 -13.70 -25.29
CA GLU E 189 17.69 -14.85 -25.76
C GLU E 189 18.16 -14.62 -27.20
N LEU E 190 19.42 -14.98 -27.45
CA LEU E 190 20.04 -14.84 -28.76
C LEU E 190 20.12 -16.19 -29.47
N LEU E 191 20.98 -17.07 -28.98
CA LEU E 191 21.10 -18.46 -29.46
C LEU E 191 21.34 -18.54 -30.97
N HIS E 192 22.13 -17.60 -31.49
CA HIS E 192 22.58 -17.63 -32.89
C HIS E 192 21.40 -17.84 -33.84
N ALA E 193 20.62 -16.78 -34.00
CA ALA E 193 19.39 -16.83 -34.76
C ALA E 193 19.17 -15.49 -35.42
N PRO E 194 18.23 -15.40 -36.37
CA PRO E 194 17.93 -14.10 -36.99
C PRO E 194 17.35 -13.11 -35.98
N ALA E 195 17.80 -11.86 -36.09
CA ALA E 195 17.36 -10.80 -35.19
C ALA E 195 16.00 -10.31 -35.66
N THR E 196 14.94 -10.89 -35.11
CA THR E 196 13.58 -10.49 -35.42
C THR E 196 13.04 -9.43 -34.47
N VAL E 197 13.75 -9.15 -33.36
CA VAL E 197 13.37 -8.10 -32.42
C VAL E 197 14.55 -7.14 -32.30
N CYS E 198 14.25 -5.84 -32.40
CA CYS E 198 15.27 -4.81 -32.33
C CYS E 198 14.65 -3.57 -31.67
N GLY E 199 15.47 -2.55 -31.49
CA GLY E 199 15.00 -1.26 -31.04
C GLY E 199 14.99 -0.27 -32.19
N PRO E 200 14.45 0.94 -31.93
CA PRO E 200 14.35 1.98 -32.97
C PRO E 200 15.66 2.70 -33.24
N PHE F 2 29.65 17.49 26.52
CA PHE F 2 29.04 16.18 26.66
C PHE F 2 27.93 16.20 27.73
N PRO F 3 27.06 15.19 27.72
CA PRO F 3 25.97 15.19 28.70
C PRO F 3 26.42 14.90 30.12
N ASN F 4 27.29 13.90 30.30
CA ASN F 4 27.73 13.41 31.60
C ASN F 4 26.67 12.56 32.28
N ILE F 5 25.63 12.15 31.55
CA ILE F 5 24.60 11.24 32.04
C ILE F 5 24.20 10.31 30.91
N THR F 6 23.76 9.11 31.27
CA THR F 6 23.45 8.05 30.31
C THR F 6 21.96 7.69 30.43
N ASN F 7 21.13 8.39 29.68
CA ASN F 7 19.70 8.14 29.65
C ASN F 7 19.26 8.01 28.19
N LEU F 8 18.76 6.83 27.83
CA LEU F 8 18.30 6.60 26.47
C LEU F 8 17.20 7.58 26.10
N CYS F 9 17.19 8.03 24.82
CA CYS F 9 16.21 9.01 24.40
C CYS F 9 14.90 8.33 24.02
N PRO F 10 13.76 9.03 24.21
CA PRO F 10 12.44 8.42 23.93
C PRO F 10 12.06 8.49 22.46
N PHE F 11 12.76 7.72 21.64
CA PHE F 11 12.40 7.62 20.23
C PHE F 11 11.18 6.73 20.01
N GLY F 12 11.04 5.67 20.82
CA GLY F 12 9.87 4.81 20.69
C GLY F 12 8.57 5.59 20.84
N GLU F 13 8.54 6.56 21.75
CA GLU F 13 7.34 7.38 21.93
C GLU F 13 6.88 8.00 20.62
N VAL F 14 7.80 8.36 19.76
CA VAL F 14 7.47 9.10 18.53
C VAL F 14 7.15 8.15 17.38
N PHE F 15 8.06 7.21 17.08
CA PHE F 15 7.87 6.36 15.91
C PHE F 15 6.73 5.36 16.11
N ASN F 16 6.59 4.82 17.32
CA ASN F 16 5.62 3.78 17.62
C ASN F 16 4.37 4.32 18.32
N ALA F 17 4.18 5.64 18.29
CA ALA F 17 3.00 6.24 18.90
C ALA F 17 1.73 5.63 18.32
N THR F 18 0.70 5.50 19.17
CA THR F 18 -0.55 4.88 18.74
C THR F 18 -1.18 5.67 17.59
N ARG F 19 -1.45 6.95 17.81
CA ARG F 19 -2.10 7.80 16.83
C ARG F 19 -1.18 8.94 16.44
N PHE F 20 -1.16 9.25 15.15
CA PHE F 20 -0.37 10.35 14.62
C PHE F 20 -1.25 11.57 14.39
N ALA F 21 -0.60 12.74 14.34
CA ALA F 21 -1.31 14.00 14.15
C ALA F 21 -1.52 14.27 12.66
N SER F 22 -2.46 15.17 12.39
CA SER F 22 -2.72 15.60 11.03
C SER F 22 -1.64 16.60 10.59
N VAL F 23 -1.32 16.55 9.30
CA VAL F 23 -0.17 17.30 8.80
C VAL F 23 -0.34 18.79 9.05
N TYR F 24 -1.57 19.30 8.98
CA TYR F 24 -1.78 20.73 9.21
C TYR F 24 -1.43 21.12 10.64
N ALA F 25 -1.65 20.21 11.59
CA ALA F 25 -1.23 20.42 12.98
C ALA F 25 -0.18 19.39 13.34
N TRP F 26 0.93 19.37 12.59
CA TRP F 26 2.01 18.43 12.85
C TRP F 26 2.46 18.51 14.30
N ASN F 27 2.80 17.35 14.87
CA ASN F 27 3.26 17.28 16.25
C ASN F 27 4.78 17.41 16.29
N ARG F 28 5.29 17.99 17.39
CA ARG F 28 6.71 18.17 17.58
C ARG F 28 7.11 17.80 18.99
N LYS F 29 8.09 16.90 19.12
CA LYS F 29 8.63 16.48 20.40
C LYS F 29 10.07 16.97 20.54
N ARG F 30 10.33 17.69 21.61
CA ARG F 30 11.69 18.13 21.93
C ARG F 30 12.46 16.97 22.55
N ILE F 31 13.75 16.89 22.23
CA ILE F 31 14.63 15.85 22.75
C ILE F 31 15.90 16.51 23.26
N SER F 32 16.20 16.28 24.54
CA SER F 32 17.35 16.88 25.21
C SER F 32 17.70 16.00 26.40
N ASN F 33 18.88 16.24 26.97
CA ASN F 33 19.36 15.55 28.16
C ASN F 33 19.16 14.04 28.03
N CYS F 34 19.77 13.47 27.00
CA CYS F 34 19.66 12.04 26.75
C CYS F 34 20.68 11.64 25.70
N VAL F 35 20.77 10.34 25.47
CA VAL F 35 21.67 9.74 24.49
C VAL F 35 20.89 8.72 23.69
N ALA F 36 21.18 8.61 22.39
CA ALA F 36 20.45 7.67 21.57
C ALA F 36 21.27 7.28 20.34
N ASP F 37 21.06 6.04 19.89
CA ASP F 37 21.76 5.50 18.74
C ASP F 37 20.91 5.74 17.51
N TYR F 38 21.35 6.65 16.64
CA TYR F 38 20.65 6.90 15.40
C TYR F 38 20.77 5.72 14.44
N SER F 39 21.97 5.14 14.34
CA SER F 39 22.20 4.09 13.36
C SER F 39 21.29 2.89 13.53
N VAL F 40 20.73 2.68 14.73
CA VAL F 40 19.77 1.60 14.93
C VAL F 40 18.57 1.78 14.02
N LEU F 41 18.09 3.01 13.88
CA LEU F 41 16.97 3.30 13.00
C LEU F 41 17.27 2.83 11.57
N TYR F 42 18.31 3.40 10.95
CA TYR F 42 18.66 3.02 9.59
C TYR F 42 18.87 1.51 9.46
N ASN F 43 19.54 0.90 10.44
CA ASN F 43 19.76 -0.53 10.39
C ASN F 43 18.44 -1.30 10.35
N SER F 44 17.43 -0.82 11.09
CA SER F 44 16.14 -1.51 11.10
C SER F 44 15.62 -1.72 9.68
N ALA F 45 15.75 -0.69 8.83
CA ALA F 45 15.44 -0.81 7.40
C ALA F 45 13.97 -1.16 7.16
N SER F 46 13.09 -0.79 8.09
CA SER F 46 11.66 -0.99 7.94
C SER F 46 10.95 0.26 7.42
N PHE F 47 11.70 1.26 6.95
CA PHE F 47 11.15 2.49 6.42
C PHE F 47 11.27 2.52 4.91
N SER F 48 10.38 3.26 4.26
CA SER F 48 10.36 3.37 2.80
C SER F 48 11.14 4.57 2.29
N THR F 49 11.23 5.64 3.08
CA THR F 49 12.03 6.80 2.73
C THR F 49 12.88 7.18 3.93
N PHE F 50 14.17 7.39 3.70
CA PHE F 50 15.11 7.73 4.79
C PHE F 50 16.21 8.60 4.17
N LYS F 51 15.91 9.88 4.01
CA LYS F 51 16.81 10.81 3.32
C LYS F 51 17.30 11.85 4.30
N CYS F 52 18.60 12.11 4.30
CA CYS F 52 19.20 13.08 5.20
C CYS F 52 19.90 14.17 4.38
N TYR F 53 19.74 15.41 4.83
CA TYR F 53 20.36 16.57 4.19
C TYR F 53 21.25 17.26 5.22
N GLY F 54 22.50 17.54 4.84
CA GLY F 54 23.43 18.21 5.72
C GLY F 54 24.22 17.29 6.63
N VAL F 55 24.08 15.98 6.49
CA VAL F 55 24.81 15.04 7.33
C VAL F 55 24.70 13.64 6.74
N SER F 56 25.80 12.88 6.82
CA SER F 56 25.79 11.52 6.31
C SER F 56 24.92 10.64 7.22
N PRO F 57 24.09 9.77 6.64
CA PRO F 57 23.25 8.90 7.48
C PRO F 57 24.02 7.70 8.01
N THR F 58 25.04 7.29 7.25
CA THR F 58 25.76 6.04 7.53
C THR F 58 26.50 6.10 8.86
N LYS F 59 25.84 5.66 9.93
CA LYS F 59 26.47 5.48 11.24
C LYS F 59 27.13 6.79 11.71
N LEU F 60 26.35 7.86 11.69
CA LEU F 60 26.82 9.17 12.17
C LEU F 60 26.19 9.47 13.51
N ASN F 61 26.61 8.71 14.52
CA ASN F 61 26.25 8.95 15.91
C ASN F 61 27.36 9.64 16.69
N ASP F 62 28.52 9.88 16.05
CA ASP F 62 29.63 10.52 16.74
C ASP F 62 29.34 11.98 17.06
N LEU F 63 28.31 12.56 16.44
CA LEU F 63 28.04 13.98 16.58
C LEU F 63 27.09 14.24 17.74
N CYS F 64 27.26 15.40 18.37
CA CYS F 64 26.43 15.85 19.47
C CYS F 64 25.80 17.19 19.13
N PHE F 65 24.53 17.34 19.48
CA PHE F 65 23.75 18.52 19.12
C PHE F 65 23.15 19.17 20.36
N THR F 66 22.93 20.48 20.26
CA THR F 66 22.30 21.22 21.36
C THR F 66 20.94 20.64 21.69
N ASN F 67 20.05 20.56 20.69
CA ASN F 67 18.73 19.99 20.89
C ASN F 67 18.33 19.20 19.66
N VAL F 68 17.31 18.36 19.80
CA VAL F 68 16.77 17.63 18.65
C VAL F 68 15.26 17.79 18.65
N TYR F 69 14.68 17.77 17.45
CA TYR F 69 13.24 17.94 17.28
C TYR F 69 12.71 16.81 16.42
N ALA F 70 11.70 16.11 16.91
CA ALA F 70 11.06 15.02 16.17
C ALA F 70 9.65 15.45 15.79
N ASP F 71 9.44 15.74 14.51
CA ASP F 71 8.15 16.21 14.02
C ASP F 71 7.44 15.06 13.31
N SER F 72 6.21 14.76 13.74
CA SER F 72 5.47 13.63 13.20
C SER F 72 4.13 14.07 12.63
N PHE F 73 3.72 13.40 11.55
CA PHE F 73 2.42 13.66 10.93
C PHE F 73 2.13 12.56 9.90
N VAL F 74 0.97 12.66 9.24
CA VAL F 74 0.53 11.68 8.26
C VAL F 74 0.17 12.41 6.96
N ILE F 75 0.53 11.82 5.84
CA ILE F 75 0.19 12.39 4.53
C ILE F 75 -0.01 11.25 3.54
N ARG F 76 -0.12 11.57 2.25
CA ARG F 76 -0.19 10.55 1.22
C ARG F 76 1.22 10.15 0.78
N GLY F 77 1.30 9.07 0.02
CA GLY F 77 2.57 8.66 -0.53
C GLY F 77 3.09 9.63 -1.58
N ASP F 78 2.22 10.01 -2.52
CA ASP F 78 2.60 10.97 -3.54
C ASP F 78 3.18 12.24 -2.92
N GLU F 79 2.70 12.62 -1.73
CA GLU F 79 3.10 13.87 -1.10
C GLU F 79 4.42 13.76 -0.34
N VAL F 80 4.94 12.56 -0.13
CA VAL F 80 6.18 12.41 0.63
C VAL F 80 7.30 13.20 -0.03
N ARG F 81 7.30 13.27 -1.37
CA ARG F 81 8.35 13.98 -2.09
C ARG F 81 8.41 15.45 -1.73
N GLN F 82 7.36 15.99 -1.12
CA GLN F 82 7.31 17.40 -0.74
C GLN F 82 7.97 17.68 0.59
N ILE F 83 8.28 16.66 1.38
CA ILE F 83 8.86 16.87 2.71
C ILE F 83 10.38 16.92 2.57
N ALA F 84 10.87 17.91 1.84
CA ALA F 84 12.30 18.07 1.59
C ALA F 84 12.57 19.53 1.29
N PRO F 85 13.84 19.96 1.35
CA PRO F 85 14.14 21.38 1.15
C PRO F 85 13.78 21.84 -0.25
N GLY F 86 13.26 23.06 -0.34
CA GLY F 86 13.01 23.70 -1.62
C GLY F 86 12.01 22.98 -2.49
N GLN F 87 10.90 22.54 -1.91
CA GLN F 87 9.84 21.84 -2.63
C GLN F 87 8.55 22.62 -2.55
N THR F 88 7.68 22.42 -3.53
CA THR F 88 6.41 23.12 -3.60
C THR F 88 5.27 22.13 -3.75
N GLY F 89 4.10 22.55 -3.31
CA GLY F 89 2.92 21.71 -3.27
C GLY F 89 2.01 22.16 -2.14
N LYS F 90 0.79 21.60 -2.14
CA LYS F 90 -0.16 21.94 -1.10
C LYS F 90 0.45 21.73 0.28
N ILE F 91 1.12 20.59 0.48
CA ILE F 91 1.68 20.27 1.79
C ILE F 91 2.83 21.22 2.12
N ALA F 92 3.79 21.35 1.21
CA ALA F 92 4.95 22.20 1.49
C ALA F 92 4.55 23.65 1.67
N ASP F 93 3.54 24.13 0.92
CA ASP F 93 3.17 25.54 0.95
C ASP F 93 2.27 25.86 2.13
N TYR F 94 1.25 25.03 2.38
CA TYR F 94 0.18 25.37 3.30
C TYR F 94 0.22 24.60 4.62
N ASN F 95 1.13 23.65 4.79
CA ASN F 95 1.07 22.75 5.94
C ASN F 95 2.38 22.60 6.70
N TYR F 96 3.42 22.10 6.03
CA TYR F 96 4.71 21.84 6.70
C TYR F 96 5.83 22.19 5.74
N LYS F 97 6.61 23.22 6.09
CA LYS F 97 7.69 23.72 5.25
C LYS F 97 9.04 23.47 5.91
N LEU F 98 9.99 22.98 5.13
CA LEU F 98 11.36 22.82 5.59
C LEU F 98 12.23 23.95 5.02
N PRO F 99 13.16 24.48 5.79
CA PRO F 99 14.01 25.56 5.27
C PRO F 99 15.00 25.05 4.24
N ASP F 100 15.45 25.97 3.38
CA ASP F 100 16.42 25.61 2.36
C ASP F 100 17.74 25.18 2.97
N ASP F 101 18.13 25.78 4.09
CA ASP F 101 19.34 25.40 4.81
C ASP F 101 19.04 24.33 5.86
N PHE F 102 18.32 23.29 5.46
CA PHE F 102 17.85 22.28 6.39
C PHE F 102 18.93 21.24 6.66
N THR F 103 19.25 21.06 7.93
CA THR F 103 20.20 20.03 8.36
C THR F 103 19.42 19.04 9.23
N GLY F 104 19.13 17.87 8.68
CA GLY F 104 18.37 16.89 9.42
C GLY F 104 18.10 15.66 8.58
N CYS F 105 17.13 14.87 9.03
CA CYS F 105 16.75 13.63 8.36
C CYS F 105 15.23 13.55 8.26
N VAL F 106 14.77 12.88 7.21
CA VAL F 106 13.35 12.75 6.89
C VAL F 106 13.07 11.26 6.70
N ILE F 107 12.15 10.73 7.50
CA ILE F 107 11.84 9.31 7.53
C ILE F 107 10.35 9.15 7.27
N ALA F 108 10.00 8.17 6.44
CA ALA F 108 8.61 7.96 6.05
C ALA F 108 8.37 6.49 5.80
N TRP F 109 7.20 6.01 6.24
CA TRP F 109 6.84 4.62 6.01
C TRP F 109 5.33 4.49 5.84
N ASN F 110 4.94 3.51 5.05
CA ASN F 110 3.53 3.25 4.81
C ASN F 110 2.85 2.75 6.08
N SER F 111 1.58 3.11 6.24
CA SER F 111 0.80 2.76 7.42
C SER F 111 -0.64 2.43 7.02
N ASN F 112 -0.81 1.77 5.89
CA ASN F 112 -2.15 1.47 5.39
C ASN F 112 -2.94 0.64 6.39
N ASN F 113 -2.27 -0.33 7.04
CA ASN F 113 -2.97 -1.18 8.00
C ASN F 113 -3.33 -0.41 9.27
N LEU F 114 -2.51 0.57 9.65
CA LEU F 114 -2.75 1.29 10.90
C LEU F 114 -3.75 2.43 10.72
N ASP F 115 -3.76 3.09 9.56
CA ASP F 115 -4.48 4.34 9.38
C ASP F 115 -5.60 4.23 8.34
N SER F 116 -6.05 3.02 8.03
CA SER F 116 -7.20 2.82 7.15
C SER F 116 -8.35 2.22 7.93
N LYS F 117 -9.56 2.50 7.47
CA LYS F 117 -10.77 1.99 8.10
C LYS F 117 -11.78 1.72 6.99
N VAL F 118 -12.59 0.67 7.18
CA VAL F 118 -13.56 0.29 6.16
C VAL F 118 -14.54 1.45 5.97
N GLY F 119 -14.72 1.87 4.71
CA GLY F 119 -15.53 3.02 4.40
C GLY F 119 -14.83 4.35 4.52
N GLY F 120 -13.53 4.36 4.80
CA GLY F 120 -12.75 5.59 4.82
C GLY F 120 -12.44 6.09 6.22
N ASN F 121 -11.25 6.66 6.40
CA ASN F 121 -10.86 7.32 7.64
C ASN F 121 -10.77 8.82 7.36
N TYR F 122 -11.65 9.59 8.01
CA TYR F 122 -11.70 11.02 7.83
C TYR F 122 -11.12 11.78 9.03
N ASN F 123 -10.25 11.13 9.80
CA ASN F 123 -9.62 11.76 10.95
C ASN F 123 -8.39 12.57 10.58
N TYR F 124 -7.80 12.32 9.42
CA TYR F 124 -6.57 13.01 9.00
C TYR F 124 -6.93 14.09 7.99
N LEU F 125 -6.64 15.35 8.34
CA LEU F 125 -6.98 16.49 7.52
C LEU F 125 -5.73 17.19 7.04
N TYR F 126 -5.89 18.02 6.00
CA TYR F 126 -4.83 18.86 5.47
C TYR F 126 -5.41 20.19 5.06
N ARG F 127 -4.58 21.23 5.10
CA ARG F 127 -5.02 22.57 4.73
C ARG F 127 -4.97 22.74 3.21
N LEU F 128 -6.08 23.20 2.64
CA LEU F 128 -6.25 23.29 1.20
C LEU F 128 -6.22 24.72 0.66
N PHE F 129 -6.69 25.69 1.44
CA PHE F 129 -6.71 27.08 1.02
C PHE F 129 -5.90 27.94 2.00
N ARG F 130 -5.08 28.82 1.46
CA ARG F 130 -4.35 29.77 2.28
C ARG F 130 -3.96 30.98 1.44
N LYS F 131 -3.99 32.16 2.08
CA LYS F 131 -3.67 33.38 1.36
C LYS F 131 -2.21 33.47 0.98
N SER F 132 -1.31 33.04 1.86
CA SER F 132 0.12 33.10 1.63
C SER F 132 0.77 31.77 1.97
N ASN F 133 1.97 31.58 1.46
CA ASN F 133 2.74 30.38 1.78
C ASN F 133 3.19 30.40 3.24
N LEU F 134 3.56 29.23 3.73
CA LEU F 134 4.03 29.08 5.10
C LEU F 134 5.54 29.30 5.17
N LYS F 135 5.97 29.97 6.24
CA LYS F 135 7.38 30.08 6.56
C LYS F 135 7.89 28.76 7.14
N PRO F 136 9.19 28.51 7.07
CA PRO F 136 9.71 27.21 7.52
C PRO F 136 9.42 26.94 8.99
N PHE F 137 9.06 25.70 9.28
CA PHE F 137 8.80 25.25 10.66
C PHE F 137 7.72 26.09 11.33
N GLU F 138 6.71 26.46 10.56
CA GLU F 138 5.56 27.21 11.06
C GLU F 138 4.33 26.31 11.05
N ARG F 139 3.44 26.54 12.01
CA ARG F 139 2.24 25.73 12.18
C ARG F 139 1.03 26.65 12.24
N ASP F 140 -0.01 26.31 11.47
CA ASP F 140 -1.24 27.08 11.40
C ASP F 140 -2.41 26.14 11.69
N ILE F 141 -3.13 26.40 12.77
CA ILE F 141 -4.26 25.57 13.18
C ILE F 141 -5.58 26.33 13.07
N SER F 142 -5.58 27.51 12.47
CA SER F 142 -6.80 28.31 12.38
C SER F 142 -7.83 27.61 11.51
N THR F 143 -9.10 27.76 11.87
CA THR F 143 -10.21 27.14 11.15
C THR F 143 -11.14 28.19 10.55
N GLU F 144 -10.68 29.43 10.37
CA GLU F 144 -11.53 30.49 9.87
C GLU F 144 -11.89 30.23 8.41
N ILE F 145 -13.16 30.52 8.07
CA ILE F 145 -13.66 30.29 6.73
C ILE F 145 -12.83 31.09 5.74
N TYR F 146 -12.44 30.45 4.64
CA TYR F 146 -11.64 31.09 3.60
C TYR F 146 -12.57 31.80 2.62
N GLN F 147 -12.45 33.13 2.55
CA GLN F 147 -13.27 33.94 1.67
C GLN F 147 -12.51 34.13 0.36
N ALA F 148 -13.05 33.55 -0.72
CA ALA F 148 -12.43 33.62 -2.04
C ALA F 148 -13.01 34.73 -2.90
N GLY F 149 -14.31 34.97 -2.79
CA GLY F 149 -14.95 36.00 -3.56
C GLY F 149 -14.69 37.38 -2.99
N SER F 150 -15.37 38.38 -3.58
CA SER F 150 -15.31 39.73 -3.06
C SER F 150 -16.26 39.91 -1.89
N THR F 151 -17.35 39.15 -1.84
CA THR F 151 -18.35 39.28 -0.80
C THR F 151 -17.87 38.63 0.49
N PRO F 152 -18.30 39.13 1.65
CA PRO F 152 -17.93 38.49 2.91
C PRO F 152 -18.67 37.18 3.11
N CYS F 153 -18.08 36.32 3.93
CA CYS F 153 -18.64 34.99 4.19
C CYS F 153 -19.44 34.93 5.48
N ASN F 154 -19.06 35.69 6.50
CA ASN F 154 -19.78 35.70 7.79
C ASN F 154 -19.84 34.33 8.42
N GLY F 155 -18.79 33.53 8.23
CA GLY F 155 -18.68 32.23 8.90
C GLY F 155 -19.70 31.21 8.45
N VAL F 156 -19.93 31.09 7.15
CA VAL F 156 -20.88 30.12 6.60
C VAL F 156 -20.25 29.44 5.40
N GLU F 157 -20.44 28.13 5.30
CA GLU F 157 -19.87 27.36 4.19
C GLU F 157 -20.71 27.51 2.93
N GLY F 158 -20.04 27.65 1.80
CA GLY F 158 -20.72 27.72 0.52
C GLY F 158 -19.74 28.03 -0.59
N PHE F 159 -20.31 28.37 -1.75
CA PHE F 159 -19.48 28.77 -2.89
C PHE F 159 -18.70 30.04 -2.54
N ASN F 160 -17.42 30.04 -2.89
CA ASN F 160 -16.50 31.13 -2.57
C ASN F 160 -16.33 31.33 -1.06
N CYS F 161 -16.76 30.35 -0.25
CA CYS F 161 -16.65 30.42 1.20
C CYS F 161 -16.36 29.01 1.71
N TYR F 162 -15.08 28.63 1.65
CA TYR F 162 -14.66 27.26 1.90
C TYR F 162 -14.04 27.12 3.28
N PHE F 163 -14.34 26.00 3.93
CA PHE F 163 -13.62 25.64 5.15
C PHE F 163 -12.19 25.23 4.79
N PRO F 164 -11.18 25.80 5.44
CA PRO F 164 -9.81 25.64 4.92
C PRO F 164 -9.29 24.21 4.93
N LEU F 165 -9.72 23.38 5.87
CA LEU F 165 -9.18 22.04 6.03
C LEU F 165 -10.10 21.01 5.36
N GLN F 166 -9.49 20.03 4.70
CA GLN F 166 -10.23 18.96 4.04
C GLN F 166 -9.61 17.63 4.39
N SER F 167 -10.43 16.58 4.31
CA SER F 167 -10.05 15.26 4.82
C SER F 167 -9.41 14.39 3.75
N TYR F 168 -8.46 13.57 4.19
CA TYR F 168 -7.87 12.56 3.32
C TYR F 168 -8.84 11.41 3.09
N GLY F 169 -8.92 10.94 1.86
CA GLY F 169 -9.75 9.80 1.55
C GLY F 169 -9.00 8.50 1.73
N PHE F 170 -8.60 8.20 2.96
CA PHE F 170 -7.79 7.02 3.22
C PHE F 170 -8.64 5.76 3.11
N GLN F 171 -9.07 5.45 1.89
CA GLN F 171 -9.77 4.21 1.63
C GLN F 171 -8.78 3.05 1.68
N PRO F 172 -9.22 1.88 2.16
CA PRO F 172 -8.30 0.72 2.17
C PRO F 172 -8.01 0.15 0.80
N THR F 173 -8.86 0.40 -0.20
CA THR F 173 -8.66 -0.11 -1.54
C THR F 173 -7.92 0.87 -2.44
N ASN F 174 -7.22 1.84 -1.85
CA ASN F 174 -6.62 2.92 -2.61
C ASN F 174 -5.24 2.50 -3.14
N GLY F 175 -4.78 3.22 -4.16
CA GLY F 175 -3.45 3.00 -4.69
C GLY F 175 -2.38 3.48 -3.73
N VAL F 176 -1.13 3.13 -4.06
CA VAL F 176 -0.02 3.46 -3.18
C VAL F 176 0.16 4.96 -3.08
N GLY F 177 -0.04 5.68 -4.18
CA GLY F 177 0.10 7.13 -4.14
C GLY F 177 -0.85 7.78 -3.16
N TYR F 178 -2.00 7.16 -2.90
CA TYR F 178 -3.03 7.72 -2.05
C TYR F 178 -3.18 6.99 -0.73
N GLN F 179 -2.26 6.09 -0.41
CA GLN F 179 -2.31 5.41 0.88
C GLN F 179 -1.66 6.26 1.97
N PRO F 180 -2.09 6.12 3.22
CA PRO F 180 -1.50 6.92 4.29
C PRO F 180 -0.04 6.54 4.54
N TYR F 181 0.75 7.55 4.89
CA TYR F 181 2.17 7.39 5.17
C TYR F 181 2.50 8.24 6.38
N ARG F 182 3.19 7.64 7.35
CA ARG F 182 3.61 8.33 8.55
C ARG F 182 5.03 8.87 8.34
N VAL F 183 5.22 10.14 8.70
CA VAL F 183 6.46 10.87 8.46
C VAL F 183 6.97 11.40 9.80
N VAL F 184 8.28 11.23 10.02
CA VAL F 184 9.00 11.78 11.16
C VAL F 184 10.22 12.54 10.62
N VAL F 185 10.34 13.80 11.02
CA VAL F 185 11.42 14.68 10.60
C VAL F 185 12.27 14.98 11.82
N LEU F 186 13.53 14.54 11.78
CA LEU F 186 14.49 14.80 12.85
C LEU F 186 15.30 16.02 12.46
N SER F 187 15.20 17.07 13.27
CA SER F 187 15.96 18.30 13.09
C SER F 187 17.00 18.39 14.20
N PHE F 188 18.23 18.76 13.82
CA PHE F 188 19.38 18.76 14.73
C PHE F 188 19.77 20.21 15.00
N GLU F 189 19.22 20.78 16.08
CA GLU F 189 19.49 22.17 16.45
C GLU F 189 20.88 22.25 17.07
N LEU F 190 21.82 22.82 16.32
CA LEU F 190 23.19 23.05 16.76
C LEU F 190 23.35 24.54 17.06
N LEU F 191 23.80 24.85 18.27
CA LEU F 191 23.93 26.23 18.71
C LEU F 191 25.13 26.33 19.65
N HIS F 192 25.39 27.55 20.11
CA HIS F 192 26.46 27.80 21.08
C HIS F 192 25.86 27.66 22.48
N ALA F 193 25.66 26.41 22.87
CA ALA F 193 25.00 26.06 24.13
C ALA F 193 25.43 24.66 24.51
N PRO F 194 25.28 24.28 25.78
CA PRO F 194 25.66 22.93 26.19
C PRO F 194 24.99 21.87 25.31
N ALA F 195 25.74 20.81 25.01
CA ALA F 195 25.25 19.71 24.19
C ALA F 195 24.48 18.75 25.09
N THR F 196 23.15 18.81 25.01
CA THR F 196 22.30 17.97 25.85
C THR F 196 21.97 16.63 25.21
N VAL F 197 22.17 16.50 23.90
CA VAL F 197 21.96 15.24 23.18
C VAL F 197 23.29 14.80 22.60
N CYS F 198 23.56 13.49 22.66
CA CYS F 198 24.82 12.95 22.19
C CYS F 198 24.60 11.53 21.67
N GLY F 199 25.65 10.99 21.07
CA GLY F 199 25.64 9.62 20.61
C GLY F 199 26.04 8.66 21.71
N PRO F 200 26.16 7.37 21.36
CA PRO F 200 26.47 6.36 22.39
C PRO F 200 27.87 6.52 22.95
N LYS F 201 28.04 6.09 24.19
CA LYS F 201 29.33 6.14 24.88
C LYS F 201 29.82 7.57 25.00
#